data_9DZA
#
_entry.id   9DZA
#
_cell.length_a   82.330
_cell.length_b   81.690
_cell.length_c   83.490
_cell.angle_alpha   90.000
_cell.angle_beta   107.070
_cell.angle_gamma   90.000
#
_symmetry.space_group_name_H-M   'P 1 21 1'
#
loop_
_entity.id
_entity.type
_entity.pdbx_description
1 polymer 'Photoreceptor-histidine kinase BphP'
2 non-polymer '3-[(2Z)-2-({3-(2-carboxyethyl)-5-[(E)-(4-ethenyl-3-methyl-5-oxo-1,5-dihydro-2H-pyrrol-2-ylidene)methyl]-4-methyl-1H-pyrrol-2-yl}methylidene)-5-{(Z)-[(3E,4S)-3-ethylidene-4-methyl-5-oxopyrrolidin-2-ylidene]methyl}-4-methyl-2H-pyrrol-3-yl]propanoic acid'
3 non-polymer 3,6,9,12,15,18-HEXAOXAICOSANE-1,20-DIOL
4 water water
#
_entity_poly.entity_id   1
_entity_poly.type   'polypeptide(L)'
_entity_poly.pdbx_seq_one_letter_code
;DLSQCDREPIHLLGGIQSHGVLLAFRGPDRLLEVVSANAQALLGRPPETLLGQPVGRVLPAEVLAQWEPLVARGSVRVVL
PAGAYRALLHESDGLTVLELEPAELQPGMEETALEVVRRLVSPLAGVKGTQALLQTAADTVRALTGFDRVMVYRFDADWH
GEVLAESKRGGMDGFLGMHFPATDIPVQARALYTRNPLRLIADARARPVPLLPPVVPALGRPLDLSNSALRSVSPVHLEY
LRNMGVGASFSLSLLKEGVLWGLIACHHLEPLHISHERRRACEVLTQLLALQLSAEERAAEASEDAHRAALLGQLATAMG
EGGTLEEVLEKESERVLALTGAAGVALLLGEEPLLVGCTPAQDEVEALVAWLATQPFQTSFHTDRLGTVYPPLAARADVA
AGILAVRLAPAAARFAIWFRPEVARTISWAGNPRKPAEPEPGHQRLHPRGSFQAWEETVRDTSLPWKRADLGAAEGFRGA
LV
;
_entity_poly.pdbx_strand_id   A,B
#
loop_
_chem_comp.id
_chem_comp.type
_chem_comp.name
_chem_comp.formula
EL5 non-polymer '3-[(2Z)-2-({3-(2-carboxyethyl)-5-[(E)-(4-ethenyl-3-methyl-5-oxo-1,5-dihydro-2H-pyrrol-2-ylidene)methyl]-4-methyl-1H-pyrrol-2-yl}methylidene)-5-{(Z)-[(3E,4S)-3-ethylidene-4-methyl-5-oxopyrrolidin-2-ylidene]methyl}-4-methyl-2H-pyrrol-3-yl]propanoic acid' 'C33 H36 N4 O6'
P33 non-polymer 3,6,9,12,15,18-HEXAOXAICOSANE-1,20-DIOL 'C14 H30 O8'
#
# COMPACT_ATOMS: atom_id res chain seq x y z
N ASP A 1 33.96 -1.35 12.14
CA ASP A 1 32.97 -1.66 13.17
C ASP A 1 33.50 -2.72 14.14
N LEU A 2 32.60 -3.31 14.92
CA LEU A 2 32.95 -4.24 15.99
C LEU A 2 33.67 -5.48 15.46
N SER A 3 32.98 -6.30 14.68
CA SER A 3 33.45 -7.64 14.36
C SER A 3 34.54 -7.60 13.28
N GLN A 4 35.38 -8.64 13.29
CA GLN A 4 36.16 -8.95 12.10
C GLN A 4 35.26 -9.34 10.95
N CYS A 5 34.06 -9.84 11.25
CA CYS A 5 33.07 -10.11 10.22
C CYS A 5 32.75 -8.83 9.43
N ASP A 6 32.74 -7.69 10.12
CA ASP A 6 32.36 -6.42 9.52
C ASP A 6 33.44 -5.85 8.61
N ARG A 7 34.66 -6.38 8.64
CA ARG A 7 35.77 -5.75 7.94
C ARG A 7 36.02 -6.33 6.55
N GLU A 8 35.42 -7.46 6.22
CA GLU A 8 35.69 -8.07 4.93
C GLU A 8 35.09 -7.20 3.83
N PRO A 9 35.88 -6.73 2.87
CA PRO A 9 35.37 -5.86 1.78
C PRO A 9 34.71 -6.70 0.69
N ILE A 10 33.44 -7.04 0.93
CA ILE A 10 32.72 -8.01 0.10
C ILE A 10 32.51 -7.51 -1.32
N HIS A 11 32.66 -6.21 -1.58
CA HIS A 11 32.55 -5.67 -2.93
C HIS A 11 33.89 -5.66 -3.65
N LEU A 12 34.97 -6.10 -2.99
CA LEU A 12 36.32 -6.05 -3.56
C LEU A 12 37.00 -7.42 -3.49
N LEU A 13 36.23 -8.50 -3.61
CA LEU A 13 36.81 -9.84 -3.54
C LEU A 13 37.37 -10.33 -4.87
N GLY A 14 37.04 -9.66 -5.97
CA GLY A 14 37.65 -9.94 -7.26
C GLY A 14 37.16 -11.20 -7.94
N GLY A 15 35.97 -11.67 -7.61
CA GLY A 15 35.48 -12.90 -8.20
C GLY A 15 34.04 -12.76 -8.65
N ILE A 16 33.71 -13.51 -9.71
CA ILE A 16 32.33 -13.65 -10.17
C ILE A 16 31.94 -15.12 -10.15
N GLN A 17 30.63 -15.35 -10.25
CA GLN A 17 30.09 -16.70 -10.26
C GLN A 17 30.23 -17.33 -11.64
N SER A 18 30.43 -18.65 -11.64
CA SER A 18 30.90 -19.37 -12.83
C SER A 18 29.89 -19.40 -13.96
N HIS A 19 28.62 -19.10 -13.70
CA HIS A 19 27.61 -19.20 -14.76
C HIS A 19 27.53 -17.95 -15.63
N GLY A 20 28.32 -16.92 -15.35
CA GLY A 20 28.30 -15.71 -16.13
C GLY A 20 29.71 -15.29 -16.53
N VAL A 21 29.76 -14.20 -17.31
CA VAL A 21 31.02 -13.61 -17.76
C VAL A 21 30.94 -12.11 -17.53
N LEU A 22 32.05 -11.50 -17.13
CA LEU A 22 32.10 -10.07 -16.89
C LEU A 22 33.20 -9.44 -17.75
N LEU A 23 32.89 -8.31 -18.39
CA LEU A 23 33.85 -7.55 -19.18
C LEU A 23 33.68 -6.08 -18.85
N ALA A 24 34.78 -5.38 -18.53
CA ALA A 24 34.70 -3.96 -18.21
C ALA A 24 35.53 -3.19 -19.21
N PHE A 25 34.94 -2.13 -19.78
CA PHE A 25 35.55 -1.39 -20.88
C PHE A 25 35.82 0.05 -20.47
N ARG A 26 36.90 0.62 -21.01
CA ARG A 26 37.40 1.92 -20.58
C ARG A 26 37.46 2.92 -21.74
N GLY A 27 36.87 4.09 -21.54
CA GLY A 27 37.15 5.21 -22.42
C GLY A 27 36.31 5.26 -23.67
N PRO A 28 36.59 6.25 -24.53
CA PRO A 28 35.76 6.42 -25.74
C PRO A 28 35.96 5.33 -26.77
N ASP A 29 37.11 4.64 -26.77
CA ASP A 29 37.32 3.51 -27.66
C ASP A 29 36.88 2.18 -27.04
N ARG A 30 36.37 2.22 -25.81
CA ARG A 30 35.80 1.02 -25.18
C ARG A 30 36.84 -0.10 -25.11
N LEU A 31 38.01 0.23 -24.60
CA LEU A 31 39.07 -0.78 -24.52
C LEU A 31 38.81 -1.72 -23.34
N LEU A 32 38.96 -3.01 -23.61
CA LEU A 32 38.78 -4.01 -22.56
C LEU A 32 39.85 -3.86 -21.50
N GLU A 33 39.44 -3.62 -20.25
CA GLU A 33 40.38 -3.38 -19.16
C GLU A 33 40.32 -4.42 -18.05
N VAL A 34 39.16 -5.00 -17.78
CA VAL A 34 39.02 -6.10 -16.82
C VAL A 34 38.13 -7.15 -17.44
N VAL A 35 38.50 -8.42 -17.28
CA VAL A 35 37.70 -9.50 -17.86
C VAL A 35 37.78 -10.71 -16.93
N SER A 36 36.65 -11.41 -16.80
CA SER A 36 36.66 -12.62 -15.99
C SER A 36 37.47 -13.73 -16.68
N ALA A 37 38.10 -14.58 -15.86
CA ALA A 37 39.04 -15.57 -16.36
C ALA A 37 38.38 -16.69 -17.14
N ASN A 38 37.05 -16.79 -17.11
CA ASN A 38 36.31 -17.81 -17.84
C ASN A 38 35.72 -17.27 -19.14
N ALA A 39 36.13 -16.08 -19.55
CA ALA A 39 35.43 -15.37 -20.61
C ALA A 39 35.49 -16.07 -21.96
N GLN A 40 36.36 -17.06 -22.13
CA GLN A 40 36.27 -17.87 -23.33
C GLN A 40 34.94 -18.61 -23.41
N ALA A 41 34.22 -18.71 -22.29
CA ALA A 41 32.89 -19.32 -22.28
C ALA A 41 31.93 -18.60 -23.23
N LEU A 42 32.23 -17.36 -23.60
CA LEU A 42 31.45 -16.65 -24.61
C LEU A 42 32.29 -15.92 -25.64
N LEU A 43 33.59 -15.76 -25.42
CA LEU A 43 34.42 -15.00 -26.36
C LEU A 43 35.08 -15.86 -27.43
N GLY A 44 35.50 -17.08 -27.09
CA GLY A 44 36.17 -17.95 -28.03
C GLY A 44 37.69 -17.87 -27.99
N ARG A 45 38.26 -16.76 -27.54
CA ARG A 45 39.69 -16.58 -27.38
C ARG A 45 40.07 -16.56 -25.91
N PRO A 46 41.33 -16.83 -25.58
CA PRO A 46 41.80 -16.61 -24.21
C PRO A 46 41.61 -15.15 -23.82
N PRO A 47 40.94 -14.89 -22.70
CA PRO A 47 40.59 -13.51 -22.36
C PRO A 47 41.79 -12.58 -22.21
N GLU A 48 42.92 -13.09 -21.70
CA GLU A 48 44.08 -12.23 -21.48
C GLU A 48 44.59 -11.60 -22.76
N THR A 49 44.41 -12.28 -23.90
CA THR A 49 44.88 -11.75 -25.17
C THR A 49 44.04 -10.59 -25.68
N LEU A 50 42.88 -10.35 -25.09
CA LEU A 50 41.97 -9.31 -25.56
C LEU A 50 41.98 -8.06 -24.71
N LEU A 51 42.71 -8.06 -23.59
CA LEU A 51 42.87 -6.85 -22.81
C LEU A 51 43.57 -5.79 -23.66
N GLY A 52 43.03 -4.57 -23.65
CA GLY A 52 43.51 -3.49 -24.49
C GLY A 52 42.84 -3.38 -25.84
N GLN A 53 42.02 -4.37 -26.23
CA GLN A 53 41.34 -4.30 -27.52
C GLN A 53 40.02 -3.56 -27.40
N PRO A 54 39.64 -2.82 -28.43
CA PRO A 54 38.34 -2.13 -28.42
C PRO A 54 37.20 -3.13 -28.55
N VAL A 55 36.03 -2.70 -28.05
CA VAL A 55 34.87 -3.60 -27.90
C VAL A 55 34.52 -4.30 -29.21
N GLY A 56 34.69 -3.62 -30.33
CA GLY A 56 34.34 -4.21 -31.62
C GLY A 56 35.25 -5.34 -32.05
N ARG A 57 36.46 -5.42 -31.49
CA ARG A 57 37.36 -6.53 -31.73
C ARG A 57 37.28 -7.60 -30.66
N VAL A 58 36.40 -7.44 -29.67
CA VAL A 58 36.34 -8.33 -28.52
C VAL A 58 35.04 -9.14 -28.49
N LEU A 59 33.90 -8.47 -28.54
CA LEU A 59 32.61 -9.12 -28.32
C LEU A 59 32.16 -9.88 -29.57
N PRO A 60 31.36 -10.94 -29.39
CA PRO A 60 30.80 -11.65 -30.54
C PRO A 60 29.89 -10.73 -31.35
N ALA A 61 29.81 -11.04 -32.65
CA ALA A 61 28.94 -10.29 -33.55
C ALA A 61 27.52 -10.17 -33.01
N GLU A 62 27.02 -11.24 -32.37
CA GLU A 62 25.67 -11.22 -31.84
C GLU A 62 25.48 -10.14 -30.79
N VAL A 63 26.48 -9.92 -29.92
CA VAL A 63 26.36 -8.89 -28.90
C VAL A 63 26.52 -7.51 -29.52
N LEU A 64 27.48 -7.35 -30.42
CA LEU A 64 27.66 -6.06 -31.09
C LEU A 64 26.41 -5.67 -31.86
N ALA A 65 25.69 -6.64 -32.41
CA ALA A 65 24.46 -6.35 -33.12
C ALA A 65 23.36 -5.80 -32.22
N GLN A 66 23.50 -5.97 -30.90
CA GLN A 66 22.55 -5.40 -29.95
C GLN A 66 23.14 -4.23 -29.17
N TRP A 67 24.21 -3.62 -29.67
CA TRP A 67 24.94 -2.66 -28.84
C TRP A 67 24.09 -1.43 -28.54
N GLU A 68 23.41 -0.89 -29.55
CA GLU A 68 22.59 0.31 -29.33
C GLU A 68 21.50 0.12 -28.29
N PRO A 69 20.64 -0.91 -28.36
CA PRO A 69 19.67 -1.10 -27.27
C PRO A 69 20.33 -1.38 -25.92
N LEU A 70 21.44 -2.12 -25.92
CA LEU A 70 22.15 -2.36 -24.67
C LEU A 70 22.61 -1.06 -24.04
N VAL A 71 23.25 -0.19 -24.83
CA VAL A 71 23.75 1.07 -24.28
C VAL A 71 22.61 1.96 -23.84
N ALA A 72 21.54 2.01 -24.63
CA ALA A 72 20.44 2.93 -24.34
C ALA A 72 19.53 2.41 -23.23
N ARG A 73 19.39 1.08 -23.09
CA ARG A 73 18.49 0.49 -22.11
C ARG A 73 19.18 -0.16 -20.92
N GLY A 74 20.48 -0.49 -21.04
CA GLY A 74 21.21 -1.15 -19.96
C GLY A 74 20.96 -2.64 -19.83
N SER A 75 20.10 -3.21 -20.67
CA SER A 75 19.70 -4.60 -20.52
C SER A 75 19.11 -5.06 -21.85
N VAL A 76 19.59 -6.19 -22.36
CA VAL A 76 19.07 -6.72 -23.61
C VAL A 76 19.27 -8.23 -23.62
N ARG A 77 18.42 -8.92 -24.37
CA ARG A 77 18.56 -10.35 -24.60
C ARG A 77 19.42 -10.54 -25.83
N VAL A 78 20.41 -11.43 -25.75
CA VAL A 78 21.28 -11.75 -26.88
C VAL A 78 21.31 -13.26 -27.07
N VAL A 79 21.22 -13.71 -28.33
CA VAL A 79 21.27 -15.14 -28.64
C VAL A 79 22.68 -15.49 -29.08
N LEU A 80 23.39 -16.24 -28.25
CA LEU A 80 24.76 -16.68 -28.50
C LEU A 80 24.78 -18.15 -28.86
N PRO A 81 25.90 -18.65 -29.40
CA PRO A 81 26.00 -20.09 -29.65
C PRO A 81 25.76 -20.92 -28.40
N ALA A 82 26.08 -20.40 -27.21
CA ALA A 82 25.82 -21.14 -25.98
C ALA A 82 24.36 -21.10 -25.56
N GLY A 83 23.55 -20.23 -26.15
CA GLY A 83 22.14 -20.09 -25.84
C GLY A 83 21.79 -18.63 -25.62
N ALA A 84 20.58 -18.39 -25.13
CA ALA A 84 20.12 -17.03 -24.87
C ALA A 84 20.74 -16.51 -23.58
N TYR A 85 21.35 -15.32 -23.66
CA TYR A 85 21.93 -14.66 -22.50
C TYR A 85 21.28 -13.30 -22.32
N ARG A 86 21.24 -12.86 -21.06
CA ARG A 86 20.86 -11.50 -20.72
C ARG A 86 22.14 -10.70 -20.55
N ALA A 87 22.26 -9.60 -21.28
CA ALA A 87 23.40 -8.71 -21.18
C ALA A 87 23.00 -7.48 -20.35
N LEU A 88 23.82 -7.14 -19.35
CA LEU A 88 23.52 -6.07 -18.42
C LEU A 88 24.71 -5.11 -18.38
N LEU A 89 24.43 -3.80 -18.41
CA LEU A 89 25.46 -2.78 -18.31
C LEU A 89 25.28 -1.99 -17.03
N HIS A 90 26.40 -1.71 -16.34
CA HIS A 90 26.40 -0.68 -15.30
C HIS A 90 27.77 -0.04 -15.29
N GLU A 91 27.90 1.03 -14.52
CA GLU A 91 29.13 1.81 -14.42
C GLU A 91 29.78 1.56 -13.06
N SER A 92 31.10 1.35 -13.07
CA SER A 92 31.83 1.18 -11.83
C SER A 92 33.28 1.59 -12.06
N ASP A 93 33.83 2.37 -11.14
CA ASP A 93 35.24 2.75 -11.18
C ASP A 93 35.63 3.40 -12.51
N GLY A 94 34.71 4.18 -13.08
CA GLY A 94 35.00 4.80 -14.35
C GLY A 94 35.01 3.87 -15.54
N LEU A 95 34.51 2.64 -15.37
CA LEU A 95 34.44 1.65 -16.45
C LEU A 95 32.98 1.34 -16.75
N THR A 96 32.71 0.95 -17.99
CA THR A 96 31.42 0.38 -18.36
C THR A 96 31.52 -1.14 -18.21
N VAL A 97 30.71 -1.70 -17.32
CA VAL A 97 30.79 -3.10 -16.96
C VAL A 97 29.65 -3.86 -17.64
N LEU A 98 30.02 -4.83 -18.46
CA LEU A 98 29.08 -5.70 -19.17
C LEU A 98 29.09 -7.07 -18.50
N GLU A 99 27.91 -7.53 -18.12
CA GLU A 99 27.76 -8.86 -17.53
C GLU A 99 26.81 -9.66 -18.41
N LEU A 100 27.13 -10.95 -18.59
CA LEU A 100 26.31 -11.86 -19.38
C LEU A 100 25.96 -13.06 -18.50
N GLU A 101 24.69 -13.40 -18.42
CA GLU A 101 24.25 -14.57 -17.68
C GLU A 101 23.10 -15.24 -18.43
N PRO A 102 22.88 -16.53 -18.21
CA PRO A 102 21.83 -17.24 -18.97
C PRO A 102 20.48 -16.55 -18.81
N ALA A 103 19.78 -16.38 -19.93
CA ALA A 103 18.52 -15.64 -19.97
C ALA A 103 17.33 -16.55 -19.60
N GLU A 104 16.22 -15.91 -19.23
CA GLU A 104 14.99 -16.63 -18.89
C GLU A 104 14.55 -17.50 -20.05
N LEU A 105 14.20 -18.75 -19.74
CA LEU A 105 13.84 -19.71 -20.79
C LEU A 105 12.35 -19.80 -21.03
N GLN A 106 11.51 -19.39 -20.08
CA GLN A 106 10.07 -19.53 -20.21
C GLN A 106 9.49 -18.24 -20.80
N PRO A 107 8.93 -18.25 -22.01
CA PRO A 107 8.33 -17.03 -22.55
C PRO A 107 7.17 -16.52 -21.72
N GLY A 108 6.49 -17.39 -20.99
CA GLY A 108 5.38 -16.99 -20.15
C GLY A 108 5.74 -16.52 -18.76
N MET A 109 7.03 -16.35 -18.46
CA MET A 109 7.42 -16.00 -17.10
C MET A 109 6.69 -14.74 -16.61
N GLU A 110 6.66 -13.70 -17.44
CA GLU A 110 6.09 -12.45 -16.98
C GLU A 110 4.58 -12.56 -16.79
N GLU A 111 3.91 -13.38 -17.61
CA GLU A 111 2.51 -13.66 -17.40
C GLU A 111 2.28 -14.34 -16.06
N THR A 112 3.13 -15.33 -15.74
CA THR A 112 3.05 -15.98 -14.43
C THR A 112 3.33 -15.00 -13.31
N ALA A 113 4.31 -14.10 -13.49
CA ALA A 113 4.63 -13.13 -12.44
C ALA A 113 3.46 -12.20 -12.16
N LEU A 114 2.78 -11.73 -13.21
CA LEU A 114 1.63 -10.88 -12.99
C LEU A 114 0.54 -11.59 -12.21
N GLU A 115 0.34 -12.88 -12.48
CA GLU A 115 -0.66 -13.65 -11.73
C GLU A 115 -0.36 -13.66 -10.24
N VAL A 116 0.92 -13.86 -9.87
CA VAL A 116 1.24 -13.86 -8.44
C VAL A 116 1.21 -12.46 -7.86
N VAL A 117 1.51 -11.44 -8.67
CA VAL A 117 1.34 -10.07 -8.22
C VAL A 117 -0.11 -9.81 -7.82
N ARG A 118 -1.05 -10.43 -8.55
CA ARG A 118 -2.47 -10.26 -8.21
C ARG A 118 -2.79 -10.76 -6.81
N ARG A 119 -2.06 -11.78 -6.34
CA ARG A 119 -2.31 -12.30 -4.99
C ARG A 119 -1.94 -11.30 -3.91
N LEU A 120 -0.92 -10.47 -4.16
CA LEU A 120 -0.39 -9.53 -3.18
C LEU A 120 -0.92 -8.12 -3.35
N VAL A 121 -1.54 -7.81 -4.48
CA VAL A 121 -2.22 -6.54 -4.69
C VAL A 121 -3.74 -6.70 -4.62
N SER A 122 -4.22 -7.87 -4.19
CA SER A 122 -5.61 -8.25 -4.34
C SER A 122 -6.53 -7.24 -3.65
N PRO A 123 -7.80 -7.14 -4.09
CA PRO A 123 -8.77 -6.30 -3.39
C PRO A 123 -8.80 -6.64 -1.91
N LEU A 124 -8.30 -5.72 -1.08
CA LEU A 124 -8.21 -5.91 0.36
C LEU A 124 -7.34 -7.14 0.69
N ALA A 125 -6.04 -6.96 0.46
CA ALA A 125 -5.07 -8.01 0.71
C ALA A 125 -4.52 -7.87 2.13
N GLY A 126 -4.47 -9.00 2.85
CA GLY A 126 -4.07 -8.98 4.24
C GLY A 126 -5.20 -8.82 5.22
N VAL A 127 -6.43 -9.15 4.83
CA VAL A 127 -7.59 -9.00 5.69
C VAL A 127 -7.71 -10.17 6.65
N LYS A 128 -6.74 -11.07 6.63
CA LYS A 128 -6.67 -12.18 7.56
C LYS A 128 -5.60 -11.97 8.64
N GLY A 129 -4.92 -10.84 8.63
CA GLY A 129 -3.81 -10.59 9.52
C GLY A 129 -2.51 -10.36 8.76
N THR A 130 -1.58 -9.59 9.33
CA THR A 130 -0.32 -9.37 8.63
C THR A 130 0.53 -10.63 8.56
N GLN A 131 0.32 -11.58 9.48
CA GLN A 131 0.92 -12.89 9.31
C GLN A 131 0.50 -13.50 7.99
N ALA A 132 -0.78 -13.35 7.62
CA ALA A 132 -1.24 -13.87 6.33
C ALA A 132 -0.55 -13.17 5.17
N LEU A 133 -0.26 -11.87 5.30
CA LEU A 133 0.49 -11.17 4.26
C LEU A 133 1.88 -11.76 4.11
N LEU A 134 2.57 -11.98 5.22
CA LEU A 134 3.92 -12.56 5.18
C LEU A 134 3.88 -13.93 4.54
N GLN A 135 2.88 -14.75 4.88
CA GLN A 135 2.78 -16.10 4.32
C GLN A 135 2.53 -16.06 2.81
N THR A 136 1.67 -15.15 2.37
CA THR A 136 1.40 -15.03 0.93
C THR A 136 2.66 -14.59 0.19
N ALA A 137 3.45 -13.70 0.80
CA ALA A 137 4.72 -13.29 0.19
C ALA A 137 5.65 -14.47 0.02
N ALA A 138 5.81 -15.26 1.09
CA ALA A 138 6.67 -16.44 1.00
C ALA A 138 6.15 -17.42 -0.05
N ASP A 139 4.83 -17.68 -0.05
CA ASP A 139 4.25 -18.63 -1.01
C ASP A 139 4.42 -18.15 -2.45
N THR A 140 4.20 -16.86 -2.72
CA THR A 140 4.28 -16.38 -4.09
C THR A 140 5.72 -16.37 -4.60
N VAL A 141 6.68 -16.00 -3.73
CA VAL A 141 8.09 -16.04 -4.12
C VAL A 141 8.51 -17.48 -4.38
N ARG A 142 8.06 -18.41 -3.55
CA ARG A 142 8.36 -19.82 -3.79
C ARG A 142 7.76 -20.29 -5.11
N ALA A 143 6.52 -19.89 -5.39
CA ALA A 143 5.89 -20.30 -6.65
C ALA A 143 6.64 -19.73 -7.85
N LEU A 144 7.11 -18.49 -7.75
CA LEU A 144 7.76 -17.85 -8.89
C LEU A 144 9.19 -18.33 -9.10
N THR A 145 9.90 -18.66 -8.01
CA THR A 145 11.31 -19.08 -8.12
C THR A 145 11.49 -20.58 -8.22
N GLY A 146 10.59 -21.37 -7.62
CA GLY A 146 10.82 -22.79 -7.50
C GLY A 146 11.82 -23.22 -6.44
N PHE A 147 12.23 -22.31 -5.56
CA PHE A 147 13.17 -22.68 -4.51
C PHE A 147 12.51 -23.59 -3.48
N ASP A 148 13.30 -24.51 -2.91
CA ASP A 148 12.78 -25.47 -1.95
C ASP A 148 12.19 -24.79 -0.72
N ARG A 149 12.79 -23.70 -0.27
CA ARG A 149 12.39 -23.09 1.00
C ARG A 149 12.53 -21.59 0.89
N VAL A 150 11.49 -20.86 1.29
CA VAL A 150 11.47 -19.40 1.24
C VAL A 150 11.05 -18.93 2.61
N MET A 151 11.80 -17.98 3.18
CA MET A 151 11.60 -17.49 4.54
C MET A 151 11.52 -15.97 4.57
N VAL A 152 10.64 -15.44 5.40
CA VAL A 152 10.59 -14.01 5.64
C VAL A 152 11.31 -13.72 6.94
N TYR A 153 12.37 -12.92 6.86
CA TYR A 153 13.30 -12.69 7.96
C TYR A 153 13.25 -11.21 8.31
N ARG A 154 12.97 -10.90 9.57
CA ARG A 154 12.85 -9.52 10.01
C ARG A 154 13.98 -9.19 10.97
N PHE A 155 14.61 -8.04 10.76
CA PHE A 155 15.64 -7.58 11.68
C PHE A 155 15.00 -6.96 12.91
N ASP A 156 15.51 -7.34 14.08
CA ASP A 156 15.05 -6.72 15.32
C ASP A 156 15.92 -5.49 15.62
N ALA A 157 15.65 -4.86 16.76
CA ALA A 157 16.27 -3.56 17.05
C ALA A 157 17.79 -3.66 17.23
N ASP A 158 18.31 -4.81 17.65
CA ASP A 158 19.75 -4.98 17.79
C ASP A 158 20.39 -5.61 16.55
N TRP A 159 19.65 -5.69 15.44
CA TRP A 159 20.07 -6.22 14.16
C TRP A 159 20.19 -7.75 14.10
N HIS A 160 19.94 -8.47 15.19
CA HIS A 160 19.64 -9.87 15.05
C HIS A 160 18.24 -10.02 14.45
N GLY A 161 17.96 -11.18 13.84
CA GLY A 161 16.74 -11.37 13.11
C GLY A 161 16.01 -12.64 13.50
N GLU A 162 14.77 -12.75 13.02
CA GLU A 162 13.97 -13.95 13.24
C GLU A 162 13.14 -14.25 12.00
N VAL A 163 12.87 -15.54 11.80
CA VAL A 163 12.05 -15.99 10.69
C VAL A 163 10.59 -15.89 11.10
N LEU A 164 9.84 -15.02 10.45
CA LEU A 164 8.44 -14.79 10.81
C LEU A 164 7.49 -15.68 10.03
N ALA A 165 7.89 -16.09 8.82
CA ALA A 165 7.04 -16.88 7.94
C ALA A 165 7.91 -17.74 7.04
N GLU A 166 7.37 -18.87 6.63
CA GLU A 166 8.12 -19.83 5.84
C GLU A 166 7.19 -20.54 4.87
N SER A 167 7.67 -20.78 3.67
CA SER A 167 6.98 -21.60 2.68
C SER A 167 7.99 -22.60 2.12
N LYS A 168 7.67 -23.89 2.17
CA LYS A 168 8.65 -24.89 1.76
C LYS A 168 7.93 -26.16 1.31
N ARG A 169 8.57 -26.89 0.40
CA ARG A 169 7.92 -28.11 -0.06
C ARG A 169 7.99 -29.20 1.00
N GLY A 170 7.10 -30.17 0.87
CA GLY A 170 6.97 -31.20 1.90
C GLY A 170 8.26 -31.98 2.08
N GLY A 171 8.51 -32.36 3.33
CA GLY A 171 9.72 -33.06 3.70
C GLY A 171 10.90 -32.15 4.02
N MET A 172 10.82 -30.88 3.67
CA MET A 172 11.88 -29.95 3.99
C MET A 172 11.83 -29.58 5.46
N ASP A 173 13.00 -29.50 6.09
CA ASP A 173 13.12 -28.84 7.37
C ASP A 173 13.06 -27.33 7.19
N GLY A 174 12.92 -26.61 8.29
CA GLY A 174 12.85 -25.16 8.20
C GLY A 174 13.39 -24.44 9.40
N PHE A 175 13.14 -23.13 9.45
CA PHE A 175 13.66 -22.26 10.50
C PHE A 175 12.58 -21.35 11.07
N LEU A 176 11.31 -21.65 10.81
CA LEU A 176 10.22 -20.80 11.27
C LEU A 176 10.32 -20.53 12.76
N GLY A 177 10.24 -19.25 13.13
CA GLY A 177 10.27 -18.82 14.51
C GLY A 177 11.63 -18.75 15.16
N MET A 178 12.69 -19.11 14.45
CA MET A 178 14.01 -19.15 15.04
C MET A 178 14.76 -17.83 14.84
N HIS A 179 15.65 -17.54 15.78
CA HIS A 179 16.40 -16.30 15.85
C HIS A 179 17.85 -16.54 15.47
N PHE A 180 18.46 -15.55 14.82
CA PHE A 180 19.82 -15.67 14.33
C PHE A 180 20.61 -14.44 14.75
N PRO A 181 21.89 -14.61 15.10
CA PRO A 181 22.71 -13.48 15.55
C PRO A 181 22.85 -12.39 14.49
N ALA A 182 23.06 -11.16 14.97
CA ALA A 182 23.35 -10.03 14.07
C ALA A 182 24.56 -10.29 13.19
N THR A 183 25.57 -11.02 13.70
CA THR A 183 26.77 -11.28 12.92
C THR A 183 26.54 -12.20 11.74
N ASP A 184 25.38 -12.88 11.67
CA ASP A 184 25.09 -13.70 10.50
C ASP A 184 24.98 -12.86 9.23
N ILE A 185 24.56 -11.61 9.36
CA ILE A 185 24.53 -10.67 8.23
C ILE A 185 25.22 -9.40 8.72
N PRO A 186 26.53 -9.28 8.55
CA PRO A 186 27.28 -8.21 9.24
C PRO A 186 27.00 -6.83 8.63
N VAL A 187 27.57 -5.81 9.28
CA VAL A 187 27.14 -4.43 9.02
C VAL A 187 27.40 -4.03 7.57
N GLN A 188 28.51 -4.48 6.99
CA GLN A 188 28.80 -4.09 5.61
C GLN A 188 27.92 -4.85 4.62
N ALA A 189 27.50 -6.06 4.96
CA ALA A 189 26.50 -6.74 4.14
C ALA A 189 25.17 -6.01 4.20
N ARG A 190 24.73 -5.63 5.41
CA ARG A 190 23.48 -4.89 5.54
C ARG A 190 23.54 -3.58 4.74
N ALA A 191 24.70 -2.91 4.77
CA ALA A 191 24.83 -1.66 4.02
C ALA A 191 24.72 -1.90 2.53
N LEU A 192 25.43 -2.91 2.02
CA LEU A 192 25.34 -3.24 0.61
C LEU A 192 23.91 -3.62 0.22
N TYR A 193 23.22 -4.37 1.08
CA TYR A 193 21.88 -4.85 0.75
C TYR A 193 20.84 -3.75 0.82
N THR A 194 21.17 -2.62 1.44
CA THR A 194 20.29 -1.47 1.42
C THR A 194 20.34 -0.75 0.06
N ARG A 195 21.48 -0.81 -0.62
CA ARG A 195 21.69 -0.17 -1.92
C ARG A 195 21.41 -1.10 -3.09
N ASN A 196 21.74 -2.39 -2.93
CA ASN A 196 21.55 -3.39 -3.99
C ASN A 196 20.62 -4.43 -3.41
N PRO A 197 19.34 -4.45 -3.80
CA PRO A 197 18.35 -5.21 -3.04
C PRO A 197 18.15 -6.67 -3.45
N LEU A 198 18.98 -7.22 -4.34
CA LEU A 198 18.84 -8.61 -4.79
C LEU A 198 20.21 -9.24 -4.85
N ARG A 199 20.28 -10.54 -4.55
CA ARG A 199 21.52 -11.28 -4.72
C ARG A 199 21.21 -12.76 -4.90
N LEU A 200 21.84 -13.38 -5.90
CA LEU A 200 21.71 -14.80 -6.17
C LEU A 200 23.05 -15.48 -6.00
N ILE A 201 23.05 -16.61 -5.30
CA ILE A 201 24.19 -17.52 -5.24
C ILE A 201 23.73 -18.82 -5.90
N ALA A 202 24.08 -19.00 -7.17
CA ALA A 202 23.49 -20.07 -7.96
C ALA A 202 24.03 -21.44 -7.57
N ASP A 203 25.28 -21.51 -7.11
CA ASP A 203 25.88 -22.80 -6.75
C ASP A 203 26.82 -22.53 -5.58
N ALA A 204 26.35 -22.86 -4.37
CA ALA A 204 27.10 -22.58 -3.15
C ALA A 204 28.42 -23.35 -3.04
N ARG A 205 28.60 -24.41 -3.83
CA ARG A 205 29.83 -25.15 -3.80
C ARG A 205 30.78 -24.81 -4.96
N ALA A 206 30.36 -23.94 -5.87
CA ALA A 206 31.21 -23.59 -7.01
C ALA A 206 32.35 -22.68 -6.58
N ARG A 207 33.49 -22.80 -7.28
CA ARG A 207 34.61 -21.94 -6.99
C ARG A 207 34.44 -20.59 -7.70
N PRO A 208 34.92 -19.51 -7.10
CA PRO A 208 34.81 -18.21 -7.77
C PRO A 208 35.72 -18.13 -8.99
N VAL A 209 35.33 -17.31 -9.94
CA VAL A 209 36.11 -17.05 -11.15
C VAL A 209 36.82 -15.72 -10.96
N PRO A 210 38.15 -15.68 -10.99
CA PRO A 210 38.84 -14.41 -10.75
C PRO A 210 38.76 -13.47 -11.96
N LEU A 211 38.96 -12.20 -11.68
CA LEU A 211 39.08 -11.18 -12.72
C LEU A 211 40.54 -11.00 -13.11
N LEU A 212 40.76 -10.63 -14.37
CA LEU A 212 42.07 -10.37 -14.96
C LEU A 212 42.09 -8.94 -15.48
N PRO A 213 43.08 -8.12 -15.09
CA PRO A 213 44.07 -8.34 -14.04
C PRO A 213 43.35 -8.28 -12.70
N PRO A 214 44.02 -8.65 -11.61
CA PRO A 214 43.34 -8.69 -10.31
C PRO A 214 43.10 -7.33 -9.67
N VAL A 215 43.61 -6.25 -10.27
CA VAL A 215 43.28 -4.90 -9.84
C VAL A 215 42.86 -4.12 -11.07
N VAL A 216 42.08 -3.06 -10.85
CA VAL A 216 41.92 -2.03 -11.86
C VAL A 216 43.26 -1.28 -11.87
N PRO A 217 44.02 -1.31 -12.97
CA PRO A 217 45.37 -0.74 -12.94
C PRO A 217 45.44 0.71 -12.45
N ALA A 218 44.46 1.54 -12.78
CA ALA A 218 44.51 2.94 -12.32
C ALA A 218 44.36 3.04 -10.81
N LEU A 219 43.71 2.08 -10.17
CA LEU A 219 43.35 2.18 -8.75
C LEU A 219 44.21 1.33 -7.83
N GLY A 220 44.75 0.21 -8.31
CA GLY A 220 45.52 -0.65 -7.44
C GLY A 220 44.69 -1.48 -6.47
N ARG A 221 43.41 -1.66 -6.77
CA ARG A 221 42.54 -2.54 -6.00
C ARG A 221 41.59 -3.21 -6.97
N PRO A 222 40.92 -4.29 -6.57
CA PRO A 222 39.98 -4.97 -7.47
C PRO A 222 38.83 -4.06 -7.86
N LEU A 223 38.22 -4.41 -8.99
CA LEU A 223 37.04 -3.70 -9.47
C LEU A 223 35.91 -3.75 -8.43
N ASP A 224 35.25 -2.60 -8.22
CA ASP A 224 34.13 -2.55 -7.27
C ASP A 224 32.93 -3.30 -7.86
N LEU A 225 32.57 -4.42 -7.25
CA LEU A 225 31.47 -5.23 -7.75
C LEU A 225 30.16 -4.98 -7.00
N SER A 226 30.03 -3.84 -6.33
CA SER A 226 28.83 -3.53 -5.54
C SER A 226 27.54 -3.75 -6.32
N ASN A 227 27.51 -3.33 -7.59
CA ASN A 227 26.29 -3.37 -8.39
C ASN A 227 26.29 -4.51 -9.40
N SER A 228 27.17 -5.50 -9.20
CA SER A 228 27.34 -6.59 -10.15
C SER A 228 26.37 -7.72 -9.80
N ALA A 229 25.65 -8.21 -10.82
CA ALA A 229 24.76 -9.35 -10.62
C ALA A 229 25.51 -10.66 -10.48
N LEU A 230 26.75 -10.72 -10.95
CA LEU A 230 27.53 -11.95 -10.91
C LEU A 230 28.49 -12.04 -9.74
N ARG A 231 28.54 -11.03 -8.87
CA ARG A 231 29.54 -11.00 -7.80
C ARG A 231 29.51 -12.28 -6.97
N SER A 232 30.69 -12.87 -6.78
CA SER A 232 30.84 -14.00 -5.89
C SER A 232 30.90 -13.50 -4.45
N VAL A 233 30.16 -14.14 -3.56
CA VAL A 233 29.97 -13.63 -2.20
C VAL A 233 31.09 -14.09 -1.26
N SER A 234 31.07 -13.55 -0.05
CA SER A 234 32.08 -13.86 0.95
C SER A 234 32.26 -15.37 1.12
N PRO A 235 33.50 -15.86 1.13
CA PRO A 235 33.72 -17.29 1.40
C PRO A 235 33.17 -17.79 2.72
N VAL A 236 33.17 -16.97 3.78
CA VAL A 236 32.60 -17.39 5.05
C VAL A 236 31.11 -17.67 4.90
N HIS A 237 30.42 -16.88 4.08
CA HIS A 237 29.00 -17.13 3.90
C HIS A 237 28.76 -18.37 3.06
N LEU A 238 29.61 -18.65 2.07
CA LEU A 238 29.47 -19.89 1.32
C LEU A 238 29.63 -21.10 2.23
N GLU A 239 30.55 -21.01 3.21
CA GLU A 239 30.69 -22.07 4.21
C GLU A 239 29.45 -22.18 5.09
N TYR A 240 28.87 -21.03 5.44
CA TYR A 240 27.64 -21.01 6.22
C TYR A 240 26.52 -21.75 5.50
N LEU A 241 26.34 -21.47 4.21
CA LEU A 241 25.33 -22.19 3.42
C LEU A 241 25.62 -23.69 3.39
N ARG A 242 26.89 -24.06 3.17
CA ARG A 242 27.23 -25.48 3.16
C ARG A 242 26.92 -26.13 4.50
N ASN A 243 27.20 -25.42 5.61
CA ASN A 243 26.88 -25.96 6.92
C ASN A 243 25.37 -26.07 7.12
N MET A 244 24.57 -25.22 6.47
CA MET A 244 23.12 -25.37 6.50
C MET A 244 22.63 -26.49 5.59
N GLY A 245 23.49 -27.00 4.71
CA GLY A 245 23.05 -27.97 3.72
C GLY A 245 22.39 -27.35 2.52
N VAL A 246 22.72 -26.11 2.19
CA VAL A 246 22.05 -25.33 1.15
C VAL A 246 22.96 -25.30 -0.08
N GLY A 247 22.39 -25.65 -1.24
CA GLY A 247 23.13 -25.66 -2.49
C GLY A 247 23.03 -24.40 -3.34
N ALA A 248 22.00 -23.59 -3.11
CA ALA A 248 21.82 -22.33 -3.81
C ALA A 248 20.98 -21.42 -2.93
N SER A 249 21.18 -20.11 -3.08
CA SER A 249 20.53 -19.12 -2.23
C SER A 249 20.16 -17.89 -3.05
N PHE A 250 19.04 -17.26 -2.69
CA PHE A 250 18.58 -16.04 -3.35
C PHE A 250 17.85 -15.22 -2.30
N SER A 251 18.26 -13.99 -2.08
CA SER A 251 17.57 -13.15 -1.10
C SER A 251 17.27 -11.79 -1.70
N LEU A 252 16.20 -11.19 -1.17
CA LEU A 252 15.73 -9.88 -1.59
C LEU A 252 15.59 -9.00 -0.35
N SER A 253 16.08 -7.77 -0.44
CA SER A 253 15.94 -6.82 0.66
C SER A 253 14.51 -6.32 0.76
N LEU A 254 14.00 -6.29 1.98
CA LEU A 254 12.72 -5.66 2.26
C LEU A 254 13.00 -4.27 2.80
N LEU A 255 12.77 -3.28 1.95
CA LEU A 255 12.99 -1.87 2.28
C LEU A 255 11.62 -1.25 2.54
N LYS A 256 11.40 -0.86 3.78
CA LYS A 256 10.10 -0.39 4.23
C LYS A 256 10.29 0.99 4.83
N GLU A 257 9.65 1.99 4.23
CA GLU A 257 9.82 3.39 4.61
C GLU A 257 11.30 3.79 4.61
N GLY A 258 12.07 3.23 3.68
CA GLY A 258 13.43 3.65 3.41
C GLY A 258 14.53 2.95 4.20
N VAL A 259 14.19 2.03 5.10
CA VAL A 259 15.20 1.36 5.90
C VAL A 259 15.14 -0.15 5.65
N LEU A 260 16.26 -0.82 5.91
CA LEU A 260 16.32 -2.27 5.74
C LEU A 260 15.55 -2.94 6.87
N TRP A 261 14.37 -3.44 6.56
CA TRP A 261 13.47 -4.02 7.53
C TRP A 261 13.67 -5.51 7.69
N GLY A 262 14.07 -6.16 6.61
CA GLY A 262 14.23 -7.59 6.63
C GLY A 262 14.65 -8.08 5.26
N LEU A 263 14.53 -9.39 5.06
CA LEU A 263 14.84 -10.03 3.79
C LEU A 263 13.79 -11.09 3.52
N ILE A 264 13.58 -11.40 2.24
CA ILE A 264 13.03 -12.68 1.86
C ILE A 264 14.20 -13.54 1.42
N ALA A 265 14.43 -14.64 2.13
CA ALA A 265 15.56 -15.51 1.88
C ALA A 265 15.07 -16.83 1.31
N CYS A 266 15.74 -17.31 0.28
CA CYS A 266 15.35 -18.52 -0.44
C CYS A 266 16.52 -19.48 -0.47
N HIS A 267 16.23 -20.76 -0.19
CA HIS A 267 17.23 -21.82 -0.16
C HIS A 267 16.82 -22.96 -1.08
N HIS A 268 17.80 -23.56 -1.76
CA HIS A 268 17.58 -24.74 -2.57
C HIS A 268 18.61 -25.80 -2.20
N LEU A 269 18.19 -27.07 -2.20
CA LEU A 269 19.10 -28.14 -1.80
C LEU A 269 20.14 -28.46 -2.86
N GLU A 270 19.95 -28.01 -4.09
CA GLU A 270 20.86 -28.22 -5.21
C GLU A 270 21.12 -26.89 -5.88
N PRO A 271 22.13 -26.81 -6.74
CA PRO A 271 22.34 -25.58 -7.52
C PRO A 271 21.10 -25.21 -8.32
N LEU A 272 20.86 -23.90 -8.43
CA LEU A 272 19.70 -23.41 -9.16
C LEU A 272 19.97 -21.97 -9.57
N HIS A 273 19.88 -21.70 -10.87
CA HIS A 273 20.00 -20.35 -11.39
C HIS A 273 18.60 -19.80 -11.69
N ILE A 274 18.39 -18.55 -11.27
CA ILE A 274 17.18 -17.76 -11.53
C ILE A 274 17.57 -16.63 -12.46
N SER A 275 16.85 -16.46 -13.57
CA SER A 275 17.21 -15.45 -14.54
C SER A 275 17.08 -14.05 -13.96
N HIS A 276 17.77 -13.10 -14.59
CA HIS A 276 17.71 -11.70 -14.17
C HIS A 276 16.27 -11.20 -14.16
N GLU A 277 15.53 -11.43 -15.26
CA GLU A 277 14.16 -10.95 -15.34
C GLU A 277 13.26 -11.62 -14.31
N ARG A 278 13.49 -12.90 -14.00
CA ARG A 278 12.70 -13.54 -12.95
C ARG A 278 13.04 -12.97 -11.57
N ARG A 279 14.32 -12.66 -11.32
CA ARG A 279 14.69 -12.01 -10.06
C ARG A 279 14.02 -10.65 -9.93
N ARG A 280 13.97 -9.88 -11.02
CA ARG A 280 13.29 -8.58 -11.00
C ARG A 280 11.79 -8.74 -10.75
N ALA A 281 11.19 -9.81 -11.27
CA ALA A 281 9.78 -10.06 -11.00
C ALA A 281 9.56 -10.33 -9.53
N CYS A 282 10.46 -11.10 -8.90
CA CYS A 282 10.38 -11.34 -7.47
C CYS A 282 10.56 -10.04 -6.70
N GLU A 283 11.38 -9.14 -7.22
CA GLU A 283 11.56 -7.85 -6.57
C GLU A 283 10.26 -7.07 -6.51
N VAL A 284 9.42 -7.16 -7.54
CA VAL A 284 8.11 -6.52 -7.49
C VAL A 284 7.29 -7.08 -6.33
N LEU A 285 7.32 -8.40 -6.12
CA LEU A 285 6.58 -8.99 -5.01
C LEU A 285 7.04 -8.44 -3.68
N THR A 286 8.37 -8.29 -3.51
CA THR A 286 8.90 -7.79 -2.25
C THR A 286 8.54 -6.32 -2.03
N GLN A 287 8.55 -5.53 -3.10
CA GLN A 287 8.12 -4.14 -2.97
C GLN A 287 6.64 -4.05 -2.63
N LEU A 288 5.83 -4.94 -3.21
CA LEU A 288 4.41 -4.96 -2.85
C LEU A 288 4.21 -5.39 -1.40
N LEU A 289 4.97 -6.39 -0.92
CA LEU A 289 4.85 -6.77 0.49
C LEU A 289 5.17 -5.58 1.39
N ALA A 290 6.24 -4.84 1.07
CA ALA A 290 6.59 -3.69 1.90
C ALA A 290 5.48 -2.66 1.91
N LEU A 291 4.85 -2.42 0.77
CA LEU A 291 3.76 -1.45 0.69
C LEU A 291 2.53 -1.93 1.47
N GLN A 292 2.18 -3.21 1.34
CA GLN A 292 1.08 -3.75 2.14
C GLN A 292 1.37 -3.67 3.62
N LEU A 293 2.60 -4.00 4.04
CA LEU A 293 2.94 -3.90 5.46
C LEU A 293 2.81 -2.48 5.95
N SER A 294 3.28 -1.50 5.15
CA SER A 294 3.17 -0.10 5.53
C SER A 294 1.70 0.32 5.65
N ALA A 295 0.88 -0.06 4.67
CA ALA A 295 -0.53 0.31 4.70
C ALA A 295 -1.21 -0.23 5.95
N GLU A 296 -0.94 -1.49 6.28
CA GLU A 296 -1.57 -2.10 7.45
C GLU A 296 -1.07 -1.48 8.74
N GLU A 297 0.24 -1.19 8.84
CA GLU A 297 0.76 -0.61 10.07
C GLU A 297 0.21 0.79 10.30
N ARG A 298 0.14 1.60 9.24
CA ARG A 298 -0.41 2.93 9.40
C ARG A 298 -1.89 2.88 9.73
N ALA A 299 -2.62 1.95 9.12
CA ALA A 299 -4.04 1.79 9.47
C ALA A 299 -4.20 1.40 10.93
N ALA A 300 -3.33 0.51 11.42
CA ALA A 300 -3.39 0.13 12.83
C ALA A 300 -3.14 1.33 13.74
N GLU A 301 -2.17 2.17 13.39
CA GLU A 301 -1.88 3.36 14.18
C GLU A 301 -3.08 4.28 14.20
N ALA A 302 -3.72 4.49 13.04
CA ALA A 302 -4.88 5.38 13.00
C ALA A 302 -6.00 4.84 13.86
N SER A 303 -6.21 3.52 13.85
CA SER A 303 -7.26 2.93 14.67
C SER A 303 -6.93 3.04 16.15
N GLU A 304 -5.67 2.78 16.52
CA GLU A 304 -5.28 2.91 17.92
C GLU A 304 -5.44 4.34 18.40
N ASP A 305 -5.00 5.30 17.59
CA ASP A 305 -5.14 6.70 17.96
C ASP A 305 -6.61 7.06 18.23
N ALA A 306 -7.51 6.59 17.38
CA ALA A 306 -8.94 6.84 17.57
C ALA A 306 -9.43 6.28 18.90
N HIS A 307 -8.97 5.07 19.24
CA HIS A 307 -9.32 4.52 20.55
C HIS A 307 -8.84 5.40 21.69
N ARG A 308 -7.63 5.97 21.57
CA ARG A 308 -7.11 6.80 22.66
C ARG A 308 -7.93 8.09 22.80
N ALA A 309 -8.27 8.74 21.69
CA ALA A 309 -9.10 9.92 21.74
C ALA A 309 -10.46 9.60 22.33
N ALA A 310 -11.02 8.43 22.00
CA ALA A 310 -12.32 8.05 22.55
C ALA A 310 -12.23 7.88 24.06
N LEU A 311 -11.15 7.29 24.54
CA LEU A 311 -10.95 7.14 25.97
C LEU A 311 -10.82 8.48 26.65
N LEU A 312 -10.05 9.41 26.05
CA LEU A 312 -9.95 10.75 26.63
C LEU A 312 -11.33 11.41 26.71
N GLY A 313 -12.15 11.24 25.67
CA GLY A 313 -13.49 11.81 25.70
C GLY A 313 -14.38 11.16 26.75
N GLN A 314 -14.31 9.83 26.87
CA GLN A 314 -15.09 9.15 27.90
C GLN A 314 -14.67 9.58 29.29
N LEU A 315 -13.38 9.80 29.50
CA LEU A 315 -12.92 10.27 30.81
C LEU A 315 -13.39 11.69 31.10
N ALA A 316 -13.41 12.56 30.10
CA ALA A 316 -13.94 13.90 30.29
C ALA A 316 -15.43 13.88 30.62
N THR A 317 -16.18 12.99 29.97
CA THR A 317 -17.58 12.81 30.33
C THR A 317 -17.74 12.38 31.78
N ALA A 318 -16.87 11.47 32.24
CA ALA A 318 -16.93 11.00 33.62
C ALA A 318 -16.60 12.09 34.62
N MET A 319 -15.55 12.87 34.34
CA MET A 319 -15.33 14.09 35.09
C MET A 319 -16.53 15.02 34.89
N GLY A 320 -16.83 15.83 35.90
CA GLY A 320 -17.97 16.70 35.78
C GLY A 320 -19.31 16.02 35.73
N GLU A 321 -19.36 14.69 35.80
CA GLU A 321 -20.58 14.01 36.23
C GLU A 321 -20.82 14.16 37.72
N GLY A 322 -19.94 14.88 38.41
CA GLY A 322 -19.93 14.98 39.85
C GLY A 322 -18.72 14.27 40.44
N GLY A 323 -18.41 14.63 41.68
CA GLY A 323 -17.30 14.03 42.38
C GLY A 323 -15.97 14.68 42.03
N THR A 324 -14.99 14.44 42.90
CA THR A 324 -13.66 14.98 42.74
C THR A 324 -12.89 14.20 41.68
N LEU A 325 -11.75 14.77 41.26
CA LEU A 325 -10.89 14.10 40.30
C LEU A 325 -10.49 12.71 40.79
N GLU A 326 -10.13 12.59 42.06
CA GLU A 326 -9.66 11.32 42.59
C GLU A 326 -10.76 10.26 42.56
N GLU A 327 -12.00 10.67 42.89
CA GLU A 327 -13.12 9.73 42.84
C GLU A 327 -13.33 9.24 41.42
N VAL A 328 -13.29 10.15 40.45
CA VAL A 328 -13.55 9.77 39.06
C VAL A 328 -12.45 8.84 38.56
N LEU A 329 -11.19 9.16 38.84
CA LEU A 329 -10.09 8.34 38.34
C LEU A 329 -10.16 6.91 38.91
N GLU A 330 -10.58 6.78 40.16
CA GLU A 330 -10.72 5.44 40.75
C GLU A 330 -11.90 4.68 40.13
N LYS A 331 -13.02 5.37 39.93
CA LYS A 331 -14.19 4.74 39.33
C LYS A 331 -13.90 4.35 37.88
N GLU A 332 -13.15 5.17 37.16
CA GLU A 332 -12.81 4.91 35.77
C GLU A 332 -11.42 4.29 35.60
N SER A 333 -10.97 3.49 36.59
CA SER A 333 -9.62 2.94 36.59
C SER A 333 -9.29 2.18 35.30
N GLU A 334 -10.21 1.36 34.82
CA GLU A 334 -9.92 0.60 33.59
C GLU A 334 -9.65 1.52 32.41
N ARG A 335 -10.42 2.60 32.27
CA ARG A 335 -10.18 3.55 31.17
C ARG A 335 -8.86 4.30 31.33
N VAL A 336 -8.55 4.73 32.55
CA VAL A 336 -7.29 5.44 32.78
C VAL A 336 -6.10 4.55 32.44
N LEU A 337 -6.17 3.27 32.79
CA LEU A 337 -5.07 2.37 32.48
C LEU A 337 -5.00 2.05 30.99
N ALA A 338 -6.16 1.93 30.33
CA ALA A 338 -6.20 1.57 28.92
C ALA A 338 -5.59 2.65 28.04
N LEU A 339 -5.52 3.89 28.54
CA LEU A 339 -4.92 4.98 27.76
C LEU A 339 -3.54 4.59 27.27
N THR A 340 -2.78 3.88 28.09
CA THR A 340 -1.41 3.51 27.73
C THR A 340 -1.18 2.00 27.77
N GLY A 341 -2.24 1.21 27.75
CA GLY A 341 -2.11 -0.23 27.87
C GLY A 341 -1.38 -0.67 29.11
N ALA A 342 -1.66 -0.02 30.25
CA ALA A 342 -0.91 -0.22 31.48
C ALA A 342 -1.67 -1.12 32.44
N ALA A 343 -0.95 -1.63 33.44
CA ALA A 343 -1.55 -2.42 34.51
C ALA A 343 -1.76 -1.61 35.79
N GLY A 344 -1.19 -0.41 35.89
CA GLY A 344 -1.38 0.42 37.06
C GLY A 344 -0.95 1.83 36.74
N VAL A 345 -1.35 2.76 37.60
CA VAL A 345 -0.98 4.16 37.47
C VAL A 345 -0.86 4.77 38.86
N ALA A 346 0.14 5.65 39.00
CA ALA A 346 0.31 6.47 40.18
C ALA A 346 0.14 7.93 39.78
N LEU A 347 -0.73 8.64 40.49
CA LEU A 347 -1.00 10.04 40.22
C LEU A 347 -0.48 10.84 41.41
N LEU A 348 0.42 11.76 41.13
CA LEU A 348 0.96 12.66 42.14
C LEU A 348 0.38 14.04 41.85
N LEU A 349 -0.69 14.35 42.57
CA LEU A 349 -1.49 15.55 42.35
C LEU A 349 -1.35 16.54 43.49
N GLY A 350 -0.30 16.43 44.29
CA GLY A 350 -0.09 17.38 45.37
C GLY A 350 0.14 16.76 46.74
N GLU A 351 -0.50 15.62 47.00
CA GLU A 351 -0.41 14.93 48.28
C GLU A 351 0.37 13.63 48.08
N GLU A 352 0.08 12.63 48.90
CA GLU A 352 0.61 11.30 48.67
C GLU A 352 0.13 10.80 47.31
N PRO A 353 0.85 9.86 46.70
CA PRO A 353 0.41 9.38 45.38
C PRO A 353 -0.91 8.62 45.48
N LEU A 354 -1.77 8.87 44.51
CA LEU A 354 -2.99 8.08 44.32
C LEU A 354 -2.62 6.88 43.46
N LEU A 355 -2.76 5.70 44.02
CA LEU A 355 -2.35 4.46 43.37
C LEU A 355 -3.59 3.75 42.85
N VAL A 356 -3.60 3.47 41.55
CA VAL A 356 -4.74 2.84 40.90
C VAL A 356 -4.21 1.64 40.13
N GLY A 357 -4.84 0.48 40.33
CA GLY A 357 -4.35 -0.73 39.70
C GLY A 357 -3.09 -1.27 40.37
N CYS A 358 -2.31 -2.02 39.59
CA CYS A 358 -1.10 -2.70 40.04
C CYS A 358 0.08 -1.74 39.96
N THR A 359 0.54 -1.28 41.11
CA THR A 359 1.70 -0.41 41.18
C THR A 359 2.62 -0.92 42.28
N PRO A 360 3.87 -0.46 42.30
CA PRO A 360 4.69 -0.63 43.49
C PRO A 360 4.02 0.06 44.67
N ALA A 361 4.47 -0.29 45.88
CA ALA A 361 3.89 0.29 47.09
C ALA A 361 4.22 1.77 47.19
N GLN A 362 3.53 2.44 48.11
CA GLN A 362 3.63 3.90 48.23
C GLN A 362 5.08 4.37 48.37
N ASP A 363 5.86 3.71 49.25
CA ASP A 363 7.26 4.09 49.47
C ASP A 363 8.06 4.02 48.16
N GLU A 364 7.90 2.92 47.42
CA GLU A 364 8.63 2.77 46.17
C GLU A 364 8.19 3.80 45.14
N VAL A 365 6.89 4.12 45.09
CA VAL A 365 6.42 5.18 44.19
C VAL A 365 7.02 6.52 44.58
N GLU A 366 7.05 6.82 45.88
CA GLU A 366 7.57 8.11 46.30
C GLU A 366 9.06 8.25 45.97
N ALA A 367 9.82 7.17 46.13
CA ALA A 367 11.24 7.20 45.78
C ALA A 367 11.43 7.38 44.28
N LEU A 368 10.64 6.68 43.47
CA LEU A 368 10.74 6.83 42.03
C LEU A 368 10.42 8.25 41.60
N VAL A 369 9.43 8.88 42.23
CA VAL A 369 9.07 10.26 41.89
C VAL A 369 10.22 11.20 42.20
N ALA A 370 10.87 11.02 43.35
CA ALA A 370 11.99 11.87 43.71
C ALA A 370 13.15 11.68 42.73
N TRP A 371 13.32 10.47 42.20
CA TRP A 371 14.32 10.23 41.16
C TRP A 371 13.89 10.86 39.83
N LEU A 372 12.65 10.63 39.42
CA LEU A 372 12.15 11.23 38.19
C LEU A 372 12.31 12.74 38.18
N ALA A 373 12.14 13.39 39.34
CA ALA A 373 12.25 14.84 39.41
C ALA A 373 13.66 15.34 39.10
N THR A 374 14.65 14.46 39.04
CA THR A 374 16.02 14.85 38.72
C THR A 374 16.42 14.56 37.28
N GLN A 375 15.73 13.66 36.60
CA GLN A 375 16.12 13.27 35.25
C GLN A 375 15.67 14.31 34.24
N PRO A 376 16.34 14.39 33.09
CA PRO A 376 15.95 15.40 32.09
C PRO A 376 15.13 14.79 30.97
N PHE A 377 13.82 15.10 30.93
CA PHE A 377 12.98 14.48 29.91
C PHE A 377 11.82 15.33 29.41
N GLN A 378 11.90 16.65 29.51
CA GLN A 378 10.93 17.55 28.91
C GLN A 378 9.52 17.37 29.49
N THR A 379 8.72 16.48 28.90
CA THR A 379 7.34 16.28 29.37
C THR A 379 7.04 14.81 29.63
N SER A 380 7.71 13.90 28.92
CA SER A 380 7.43 12.47 29.02
C SER A 380 8.73 11.69 29.12
N PHE A 381 8.70 10.65 29.94
CA PHE A 381 9.79 9.69 30.10
C PHE A 381 9.17 8.30 29.97
N HIS A 382 9.81 7.42 29.19
CA HIS A 382 9.32 6.06 29.11
C HIS A 382 10.48 5.09 28.95
N THR A 383 10.28 3.88 29.48
CA THR A 383 11.22 2.79 29.28
C THR A 383 10.49 1.47 29.41
N ASP A 384 10.95 0.46 28.66
CA ASP A 384 10.44 -0.91 28.78
C ASP A 384 11.37 -1.80 29.59
N ARG A 385 12.41 -1.24 30.23
CA ARG A 385 13.34 -2.03 31.02
C ARG A 385 13.87 -1.12 32.14
N LEU A 386 12.97 -0.84 33.09
CA LEU A 386 13.24 0.17 34.10
C LEU A 386 14.47 -0.17 34.92
N GLY A 387 14.70 -1.47 35.16
CA GLY A 387 15.76 -1.89 36.06
C GLY A 387 17.16 -1.53 35.58
N THR A 388 17.34 -1.38 34.27
CA THR A 388 18.67 -1.03 33.78
C THR A 388 19.01 0.43 34.05
N VAL A 389 18.02 1.30 34.19
CA VAL A 389 18.26 2.70 34.49
C VAL A 389 17.93 3.09 35.93
N TYR A 390 17.17 2.26 36.65
CA TYR A 390 16.70 2.61 37.99
C TYR A 390 16.74 1.38 38.87
N PRO A 391 17.90 1.10 39.48
CA PRO A 391 18.13 -0.17 40.20
C PRO A 391 17.16 -0.43 41.35
N PRO A 392 16.63 0.60 42.04
CA PRO A 392 15.70 0.28 43.14
C PRO A 392 14.47 -0.53 42.74
N LEU A 393 14.09 -0.54 41.47
CA LEU A 393 12.94 -1.33 41.03
C LEU A 393 13.34 -2.46 40.08
N ALA A 394 14.63 -2.79 40.04
CA ALA A 394 15.11 -3.84 39.15
C ALA A 394 14.55 -5.20 39.52
N ALA A 395 14.28 -5.46 40.80
CA ALA A 395 13.72 -6.75 41.20
C ALA A 395 12.20 -6.79 41.07
N ARG A 396 11.57 -5.67 40.75
CA ARG A 396 10.11 -5.55 40.73
C ARG A 396 9.55 -5.58 39.32
N ALA A 397 10.09 -6.46 38.46
CA ALA A 397 9.56 -6.62 37.11
C ALA A 397 8.15 -7.20 37.11
N ASP A 398 7.66 -7.67 38.26
CA ASP A 398 6.30 -8.17 38.32
C ASP A 398 5.29 -7.05 38.15
N VAL A 399 5.64 -5.83 38.52
CA VAL A 399 4.73 -4.69 38.41
C VAL A 399 5.32 -3.49 37.71
N ALA A 400 6.64 -3.42 37.51
CA ALA A 400 7.25 -2.17 37.08
C ALA A 400 8.45 -2.44 36.19
N ALA A 401 8.30 -3.39 35.24
CA ALA A 401 9.31 -3.58 34.22
C ALA A 401 9.38 -2.38 33.28
N GLY A 402 8.24 -1.78 32.98
CA GLY A 402 8.21 -0.57 32.19
C GLY A 402 7.39 0.51 32.88
N ILE A 403 7.78 1.76 32.62
CA ILE A 403 7.00 2.92 33.04
C ILE A 403 6.88 3.93 31.91
N LEU A 404 5.81 4.72 31.99
CA LEU A 404 5.61 5.90 31.18
C LEU A 404 5.18 6.97 32.16
N ALA A 405 6.01 8.02 32.30
CA ALA A 405 5.77 9.11 33.25
C ALA A 405 5.61 10.42 32.48
N VAL A 406 4.63 11.23 32.88
CA VAL A 406 4.44 12.54 32.28
C VAL A 406 4.43 13.62 33.37
N ARG A 407 4.97 14.77 33.02
CA ARG A 407 5.07 15.89 33.95
C ARG A 407 3.74 16.63 34.03
N LEU A 408 3.35 17.01 35.26
CA LEU A 408 2.13 17.76 35.49
C LEU A 408 2.40 19.16 36.03
N ALA A 409 3.68 19.56 36.10
CA ALA A 409 4.04 20.85 36.67
C ALA A 409 5.44 21.20 36.18
N PRO A 410 5.73 22.49 35.96
CA PRO A 410 7.05 22.86 35.46
C PRO A 410 8.19 22.44 36.37
N ALA A 411 8.17 22.89 37.63
CA ALA A 411 9.24 22.61 38.58
C ALA A 411 8.87 21.54 39.60
N ALA A 412 7.64 21.57 40.11
CA ALA A 412 7.25 20.65 41.17
C ALA A 412 7.26 19.20 40.67
N ALA A 413 7.42 18.27 41.62
CA ALA A 413 7.42 16.84 41.31
C ALA A 413 5.98 16.36 41.29
N ARG A 414 5.30 16.66 40.19
CA ARG A 414 3.92 16.25 39.97
C ARG A 414 3.90 15.45 38.68
N PHE A 415 3.44 14.21 38.76
CA PHE A 415 3.54 13.29 37.62
C PHE A 415 2.34 12.36 37.60
N ALA A 416 2.06 11.84 36.41
CA ALA A 416 1.31 10.61 36.24
C ALA A 416 2.29 9.56 35.74
N ILE A 417 2.30 8.38 36.38
CA ILE A 417 3.25 7.32 36.05
C ILE A 417 2.48 6.04 35.82
N TRP A 418 2.44 5.57 34.58
CA TRP A 418 1.83 4.29 34.26
C TRP A 418 2.87 3.18 34.36
N PHE A 419 2.42 2.00 34.76
CA PHE A 419 3.28 0.85 35.03
C PHE A 419 2.87 -0.35 34.18
N ARG A 420 3.87 -1.14 33.78
CA ARG A 420 3.68 -2.40 33.06
C ARG A 420 4.56 -3.50 33.65
N PRO A 421 4.05 -4.72 33.74
CA PRO A 421 4.86 -5.86 34.16
C PRO A 421 5.73 -6.34 33.01
N GLU A 422 6.68 -7.21 33.35
CA GLU A 422 7.45 -7.87 32.31
C GLU A 422 6.54 -8.79 31.50
N VAL A 423 6.96 -9.03 30.26
CA VAL A 423 6.41 -10.09 29.42
C VAL A 423 7.59 -10.99 29.08
N ALA A 424 7.67 -12.15 29.74
CA ALA A 424 8.71 -13.11 29.45
C ALA A 424 8.53 -13.65 28.03
N ARG A 425 9.64 -13.84 27.34
CA ARG A 425 9.64 -14.28 25.95
C ARG A 425 10.67 -15.39 25.80
N THR A 426 10.20 -16.60 25.49
CA THR A 426 11.08 -17.72 25.23
C THR A 426 11.34 -17.78 23.74
N ILE A 427 12.60 -17.67 23.35
CA ILE A 427 12.98 -17.64 21.94
C ILE A 427 13.95 -18.78 21.66
N SER A 428 13.87 -19.31 20.45
CA SER A 428 14.75 -20.38 20.00
C SER A 428 15.78 -19.81 19.02
N TRP A 429 17.05 -19.89 19.39
CA TRP A 429 18.14 -19.48 18.51
C TRP A 429 18.54 -20.66 17.63
N ALA A 430 18.92 -20.35 16.39
CA ALA A 430 19.43 -21.36 15.47
C ALA A 430 20.91 -21.53 15.74
N GLY A 431 21.23 -22.40 16.69
CA GLY A 431 22.58 -22.55 17.18
C GLY A 431 22.81 -21.73 18.44
N ASN A 432 23.90 -22.02 19.11
CA ASN A 432 24.24 -21.33 20.35
C ASN A 432 24.71 -19.92 20.05
N PRO A 433 23.95 -18.89 20.43
CA PRO A 433 24.38 -17.50 20.15
C PRO A 433 25.59 -17.07 20.94
N ARG A 434 26.00 -17.82 21.97
CA ARG A 434 27.25 -17.54 22.66
C ARG A 434 28.47 -17.93 21.83
N LYS A 435 28.28 -18.78 20.82
CA LYS A 435 29.35 -19.21 19.92
C LYS A 435 28.90 -18.96 18.48
N PRO A 436 28.85 -17.69 18.06
CA PRO A 436 28.29 -17.36 16.74
C PRO A 436 29.22 -17.60 15.57
N ALA A 437 30.44 -18.08 15.80
CA ALA A 437 31.41 -18.36 14.75
C ALA A 437 32.45 -19.29 15.34
N GLU A 438 33.29 -19.84 14.47
CA GLU A 438 34.37 -20.74 14.86
C GLU A 438 35.67 -20.22 14.27
N PRO A 439 36.30 -19.24 14.93
CA PRO A 439 37.58 -18.74 14.44
C PRO A 439 38.68 -19.78 14.64
N GLU A 440 39.68 -19.73 13.75
CA GLU A 440 40.85 -20.56 13.96
C GLU A 440 41.73 -19.91 15.02
N PRO A 441 42.62 -20.70 15.65
CA PRO A 441 43.59 -20.11 16.58
C PRO A 441 44.35 -19.00 15.90
N GLY A 442 44.50 -17.88 16.61
CA GLY A 442 45.05 -16.66 16.08
C GLY A 442 44.00 -15.69 15.61
N HIS A 443 42.77 -16.16 15.43
CA HIS A 443 41.62 -15.31 15.10
C HIS A 443 41.85 -14.53 13.82
N GLN A 444 42.32 -15.24 12.79
CA GLN A 444 42.73 -14.66 11.53
C GLN A 444 42.02 -15.22 10.30
N ARG A 445 41.37 -16.38 10.37
CA ARG A 445 40.65 -16.94 9.22
C ARG A 445 39.14 -16.93 9.39
N LEU A 446 38.63 -17.42 10.52
CA LEU A 446 37.21 -17.34 10.84
C LEU A 446 36.32 -18.26 9.97
N HIS A 447 35.44 -18.99 10.63
CA HIS A 447 34.51 -19.90 9.98
C HIS A 447 33.15 -19.71 10.64
N PRO A 448 32.06 -20.05 9.96
CA PRO A 448 30.75 -20.00 10.60
C PRO A 448 30.61 -21.15 11.60
N ARG A 449 29.56 -21.04 12.41
CA ARG A 449 29.24 -22.11 13.33
C ARG A 449 28.83 -23.36 12.56
N GLY A 450 29.02 -24.51 13.17
CA GLY A 450 28.70 -25.76 12.52
C GLY A 450 27.27 -26.21 12.76
N SER A 451 26.62 -25.71 13.81
CA SER A 451 25.32 -26.22 14.23
C SER A 451 24.28 -25.11 14.24
N PHE A 452 23.11 -25.42 13.70
CA PHE A 452 21.95 -24.52 13.73
C PHE A 452 20.83 -25.09 14.58
N GLN A 453 21.14 -26.04 15.47
CA GLN A 453 20.11 -26.66 16.29
C GLN A 453 19.56 -25.67 17.31
N ALA A 454 18.27 -25.81 17.62
CA ALA A 454 17.58 -24.88 18.51
C ALA A 454 18.28 -24.76 19.86
N TRP A 455 18.45 -23.52 20.29
CA TRP A 455 19.05 -23.19 21.58
C TRP A 455 18.14 -22.18 22.24
N GLU A 456 17.59 -22.53 23.40
CA GLU A 456 16.49 -21.78 24.01
C GLU A 456 16.98 -20.82 25.08
N GLU A 457 16.43 -19.61 25.07
CA GLU A 457 16.60 -18.68 26.17
C GLU A 457 15.28 -17.96 26.41
N THR A 458 15.07 -17.52 27.64
CA THR A 458 13.89 -16.74 28.01
C THR A 458 14.35 -15.35 28.42
N VAL A 459 13.82 -14.35 27.77
CA VAL A 459 14.14 -12.96 28.06
C VAL A 459 13.18 -12.47 29.13
N ARG A 460 13.72 -11.88 30.18
CA ARG A 460 12.97 -11.44 31.35
C ARG A 460 13.17 -9.95 31.57
N ASP A 461 12.35 -9.39 32.46
CA ASP A 461 12.48 -8.04 33.02
C ASP A 461 12.17 -6.91 32.04
N THR A 462 11.59 -7.21 30.88
CA THR A 462 11.25 -6.22 29.87
C THR A 462 9.76 -6.27 29.59
N SER A 463 9.13 -5.08 29.59
CA SER A 463 7.71 -4.98 29.30
C SER A 463 7.48 -4.95 27.79
N LEU A 464 6.21 -5.02 27.41
CA LEU A 464 5.86 -4.66 26.04
C LEU A 464 6.33 -3.22 25.77
N PRO A 465 6.71 -2.93 24.53
CA PRO A 465 7.22 -1.59 24.24
C PRO A 465 6.08 -0.59 24.25
N TRP A 466 6.42 0.63 24.66
CA TRP A 466 5.42 1.69 24.65
C TRP A 466 5.22 2.16 23.22
N LYS A 467 3.98 2.15 22.78
CA LYS A 467 3.63 2.49 21.41
C LYS A 467 3.41 3.99 21.27
N ARG A 468 3.60 4.47 20.04
CA ARG A 468 3.31 5.87 19.72
C ARG A 468 1.95 6.31 20.25
N ALA A 469 0.92 5.46 20.09
CA ALA A 469 -0.41 5.80 20.58
C ALA A 469 -0.44 5.93 22.10
N ASP A 470 0.33 5.09 22.80
CA ASP A 470 0.43 5.21 24.26
C ASP A 470 1.00 6.57 24.66
N LEU A 471 2.05 7.01 23.95
CA LEU A 471 2.70 8.27 24.26
C LEU A 471 1.79 9.46 23.97
N GLY A 472 1.07 9.42 22.85
CA GLY A 472 0.12 10.49 22.56
C GLY A 472 -1.02 10.53 23.55
N ALA A 473 -1.54 9.37 23.95
CA ALA A 473 -2.62 9.35 24.94
C ALA A 473 -2.17 10.00 26.25
N ALA A 474 -0.94 9.68 26.67
CA ALA A 474 -0.43 10.24 27.92
C ALA A 474 -0.28 11.76 27.82
N GLU A 475 0.22 12.27 26.70
CA GLU A 475 0.30 13.72 26.53
C GLU A 475 -1.08 14.36 26.55
N GLY A 476 -2.06 13.72 25.91
CA GLY A 476 -3.41 14.25 25.91
C GLY A 476 -4.08 14.23 27.26
N PHE A 477 -3.73 13.27 28.12
CA PHE A 477 -4.32 13.21 29.45
C PHE A 477 -3.73 14.22 30.42
N ARG A 478 -2.50 14.72 30.15
CA ARG A 478 -1.90 15.73 31.01
C ARG A 478 -2.81 16.92 31.22
N GLY A 479 -3.52 17.34 30.18
CA GLY A 479 -4.37 18.51 30.30
C GLY A 479 -5.52 18.34 31.26
N ALA A 480 -6.05 17.12 31.36
CA ALA A 480 -7.13 16.86 32.32
C ALA A 480 -6.63 16.91 33.76
N LEU A 481 -5.34 16.72 33.99
CA LEU A 481 -4.77 16.66 35.33
C LEU A 481 -4.15 17.97 35.78
N VAL A 482 -3.59 18.77 34.87
CA VAL A 482 -2.92 20.01 35.25
C VAL A 482 -3.85 21.00 35.94
N ASP B 1 -32.87 11.32 -4.85
CA ASP B 1 -34.07 10.93 -5.60
C ASP B 1 -33.76 9.85 -6.64
N LEU B 2 -34.29 8.65 -6.41
CA LEU B 2 -34.17 7.58 -7.40
C LEU B 2 -34.91 7.99 -8.67
N SER B 3 -34.16 8.44 -9.67
CA SER B 3 -34.72 9.03 -10.86
C SER B 3 -34.85 7.99 -11.97
N GLN B 4 -35.26 8.45 -13.16
CA GLN B 4 -35.38 7.56 -14.31
C GLN B 4 -34.03 6.95 -14.69
N CYS B 5 -32.95 7.72 -14.51
CA CYS B 5 -31.62 7.21 -14.83
C CYS B 5 -31.32 5.95 -14.05
N ASP B 6 -31.78 5.88 -12.81
CA ASP B 6 -31.42 4.81 -11.88
C ASP B 6 -32.21 3.53 -12.12
N ARG B 7 -33.26 3.56 -12.94
CA ARG B 7 -34.15 2.40 -13.05
C ARG B 7 -33.86 1.53 -14.26
N GLU B 8 -32.99 1.94 -15.16
CA GLU B 8 -32.66 1.12 -16.31
C GLU B 8 -31.96 -0.15 -15.84
N PRO B 9 -32.48 -1.34 -16.15
CA PRO B 9 -31.81 -2.58 -15.72
C PRO B 9 -30.69 -2.94 -16.69
N ILE B 10 -29.51 -2.34 -16.45
CA ILE B 10 -28.42 -2.39 -17.41
C ILE B 10 -27.84 -3.79 -17.53
N HIS B 11 -28.13 -4.67 -16.59
CA HIS B 11 -27.70 -6.05 -16.67
C HIS B 11 -28.68 -6.95 -17.41
N LEU B 12 -29.83 -6.40 -17.87
CA LEU B 12 -30.88 -7.17 -18.52
C LEU B 12 -31.26 -6.60 -19.88
N LEU B 13 -30.31 -5.95 -20.57
CA LEU B 13 -30.60 -5.38 -21.88
C LEU B 13 -30.55 -6.41 -23.02
N GLY B 14 -29.98 -7.59 -22.76
CA GLY B 14 -30.04 -8.67 -23.73
C GLY B 14 -29.18 -8.50 -24.96
N GLY B 15 -28.09 -7.77 -24.87
CA GLY B 15 -27.22 -7.54 -26.01
C GLY B 15 -25.75 -7.65 -25.63
N ILE B 16 -24.95 -8.06 -26.60
CA ILE B 16 -23.50 -8.06 -26.46
C ILE B 16 -22.88 -7.19 -27.55
N GLN B 17 -21.61 -6.89 -27.37
CA GLN B 17 -20.86 -6.10 -28.32
C GLN B 17 -20.37 -6.96 -29.48
N SER B 18 -20.20 -6.31 -30.64
CA SER B 18 -20.06 -7.01 -31.91
C SER B 18 -18.72 -7.74 -32.06
N HIS B 19 -17.74 -7.46 -31.21
CA HIS B 19 -16.43 -8.08 -31.40
C HIS B 19 -16.30 -9.43 -30.73
N GLY B 20 -17.32 -9.90 -30.01
CA GLY B 20 -17.26 -11.21 -29.39
C GLY B 20 -18.54 -12.01 -29.64
N VAL B 21 -18.53 -13.23 -29.10
CA VAL B 21 -19.66 -14.14 -29.17
C VAL B 21 -19.93 -14.68 -27.77
N LEU B 22 -21.21 -14.87 -27.45
CA LEU B 22 -21.63 -15.39 -26.16
C LEU B 22 -22.48 -16.65 -26.34
N LEU B 23 -22.19 -17.67 -25.53
CA LEU B 23 -22.95 -18.91 -25.50
C LEU B 23 -23.12 -19.33 -24.06
N ALA B 24 -24.34 -19.74 -23.69
CA ALA B 24 -24.63 -20.18 -22.33
C ALA B 24 -25.19 -21.60 -22.37
N PHE B 25 -24.69 -22.45 -21.48
CA PHE B 25 -24.97 -23.88 -21.50
C PHE B 25 -25.67 -24.32 -20.22
N ARG B 26 -26.61 -25.26 -20.34
CA ARG B 26 -27.45 -25.71 -19.24
C ARG B 26 -27.24 -27.19 -18.93
N GLY B 27 -27.03 -27.51 -17.66
CA GLY B 27 -27.18 -28.87 -17.17
C GLY B 27 -26.01 -29.78 -17.46
N PRO B 28 -26.15 -31.05 -17.07
CA PRO B 28 -25.00 -31.97 -17.16
C PRO B 28 -24.55 -32.24 -18.58
N ASP B 29 -25.46 -32.21 -19.53
CA ASP B 29 -25.12 -32.38 -20.93
C ASP B 29 -24.71 -31.08 -21.61
N ARG B 30 -24.72 -29.96 -20.87
CA ARG B 30 -24.24 -28.69 -21.39
C ARG B 30 -24.94 -28.33 -22.70
N LEU B 31 -26.27 -28.33 -22.64
CA LEU B 31 -27.08 -27.96 -23.79
C LEU B 31 -27.06 -26.45 -24.00
N LEU B 32 -26.96 -26.05 -25.26
CA LEU B 32 -26.94 -24.62 -25.59
C LEU B 32 -28.30 -23.99 -25.28
N GLU B 33 -28.29 -23.00 -24.39
CA GLU B 33 -29.51 -22.36 -23.90
C GLU B 33 -29.68 -20.94 -24.42
N VAL B 34 -28.59 -20.19 -24.52
CA VAL B 34 -28.61 -18.80 -25.00
C VAL B 34 -27.41 -18.65 -25.92
N VAL B 35 -27.59 -17.94 -27.02
CA VAL B 35 -26.50 -17.73 -27.97
C VAL B 35 -26.67 -16.36 -28.62
N SER B 36 -25.55 -15.65 -28.79
CA SER B 36 -25.64 -14.36 -29.46
C SER B 36 -25.89 -14.55 -30.96
N ALA B 37 -26.59 -13.59 -31.56
CA ALA B 37 -27.08 -13.74 -32.92
C ALA B 37 -25.96 -13.76 -33.96
N ASN B 38 -24.74 -13.35 -33.59
CA ASN B 38 -23.61 -13.27 -34.50
C ASN B 38 -22.73 -14.51 -34.46
N ALA B 39 -23.20 -15.60 -33.85
CA ALA B 39 -22.31 -16.72 -33.54
C ALA B 39 -22.03 -17.64 -34.72
N GLN B 40 -22.68 -17.45 -35.87
CA GLN B 40 -22.50 -18.40 -36.96
C GLN B 40 -21.08 -18.40 -37.49
N ALA B 41 -20.43 -17.23 -37.55
CA ALA B 41 -19.07 -17.15 -38.08
C ALA B 41 -18.09 -17.99 -37.28
N LEU B 42 -18.41 -18.33 -36.02
CA LEU B 42 -17.56 -19.20 -35.22
C LEU B 42 -18.18 -20.56 -34.93
N LEU B 43 -19.45 -20.77 -35.28
CA LEU B 43 -20.09 -22.07 -35.11
C LEU B 43 -20.31 -22.83 -36.41
N GLY B 44 -20.08 -22.18 -37.56
CA GLY B 44 -20.34 -22.82 -38.84
C GLY B 44 -21.79 -23.10 -39.15
N ARG B 45 -22.69 -22.94 -38.18
CA ARG B 45 -24.11 -23.14 -38.36
C ARG B 45 -24.83 -21.90 -37.86
N PRO B 46 -25.99 -21.58 -38.45
CA PRO B 46 -26.81 -20.49 -37.92
C PRO B 46 -27.16 -20.76 -36.47
N PRO B 47 -26.91 -19.81 -35.56
CA PRO B 47 -26.95 -20.14 -34.13
C PRO B 47 -28.28 -20.64 -33.61
N GLU B 48 -29.39 -20.21 -34.21
CA GLU B 48 -30.72 -20.61 -33.73
C GLU B 48 -30.96 -22.12 -33.90
N THR B 49 -30.38 -22.72 -34.94
CA THR B 49 -30.57 -24.14 -35.20
C THR B 49 -29.80 -25.02 -34.22
N LEU B 50 -28.96 -24.44 -33.36
CA LEU B 50 -28.16 -25.19 -32.41
C LEU B 50 -28.66 -25.11 -30.98
N LEU B 51 -29.66 -24.26 -30.71
CA LEU B 51 -30.26 -24.24 -29.38
C LEU B 51 -30.82 -25.61 -29.04
N GLY B 52 -30.54 -26.07 -27.82
CA GLY B 52 -30.93 -27.39 -27.38
C GLY B 52 -29.93 -28.49 -27.70
N GLN B 53 -28.85 -28.16 -28.40
CA GLN B 53 -27.88 -29.18 -28.75
C GLN B 53 -26.76 -29.26 -27.71
N PRO B 54 -26.18 -30.44 -27.54
CA PRO B 54 -25.07 -30.59 -26.60
C PRO B 54 -23.82 -29.87 -27.09
N VAL B 55 -23.01 -29.44 -26.13
CA VAL B 55 -21.85 -28.60 -26.40
C VAL B 55 -20.94 -29.21 -27.47
N GLY B 56 -20.85 -30.54 -27.52
CA GLY B 56 -20.01 -31.20 -28.51
C GLY B 56 -20.48 -31.01 -29.93
N ARG B 57 -21.78 -30.74 -30.13
CA ARG B 57 -22.30 -30.47 -31.46
C ARG B 57 -22.41 -28.97 -31.74
N VAL B 58 -21.89 -28.13 -30.85
CA VAL B 58 -22.00 -26.69 -30.97
C VAL B 58 -20.61 -26.07 -31.13
N LEU B 59 -19.72 -26.33 -30.14
CA LEU B 59 -18.43 -25.65 -30.10
C LEU B 59 -17.40 -26.39 -30.94
N PRO B 60 -16.43 -25.66 -31.47
CA PRO B 60 -15.28 -26.32 -32.10
C PRO B 60 -14.45 -27.07 -31.06
N ALA B 61 -13.79 -28.14 -31.51
CA ALA B 61 -13.00 -28.97 -30.59
C ALA B 61 -11.94 -28.16 -29.87
N GLU B 62 -11.42 -27.10 -30.49
CA GLU B 62 -10.36 -26.30 -29.88
C GLU B 62 -10.82 -25.68 -28.56
N VAL B 63 -12.12 -25.40 -28.42
CA VAL B 63 -12.60 -24.83 -27.17
C VAL B 63 -12.76 -25.93 -26.11
N LEU B 64 -13.47 -27.00 -26.45
CA LEU B 64 -13.73 -28.07 -25.48
C LEU B 64 -12.44 -28.65 -24.93
N ALA B 65 -11.36 -28.62 -25.70
CA ALA B 65 -10.10 -29.25 -25.28
C ALA B 65 -9.52 -28.61 -24.02
N GLN B 66 -9.71 -27.30 -23.82
CA GLN B 66 -9.27 -26.65 -22.60
C GLN B 66 -10.41 -26.38 -21.64
N TRP B 67 -11.48 -27.18 -21.70
CA TRP B 67 -12.62 -26.94 -20.81
C TRP B 67 -12.21 -27.00 -19.35
N GLU B 68 -11.28 -27.91 -19.01
CA GLU B 68 -10.87 -28.06 -17.61
C GLU B 68 -10.19 -26.82 -17.04
N PRO B 69 -9.11 -26.29 -17.63
CA PRO B 69 -8.55 -25.05 -17.09
C PRO B 69 -9.51 -23.88 -17.22
N LEU B 70 -10.41 -23.92 -18.21
CA LEU B 70 -11.40 -22.87 -18.37
C LEU B 70 -12.36 -22.85 -17.19
N VAL B 71 -12.87 -24.02 -16.79
CA VAL B 71 -13.67 -24.11 -15.57
C VAL B 71 -12.82 -23.81 -14.35
N ALA B 72 -11.58 -24.29 -14.35
CA ALA B 72 -10.72 -24.13 -13.18
C ALA B 72 -10.30 -22.68 -12.99
N ARG B 73 -9.86 -22.02 -14.06
CA ARG B 73 -9.29 -20.69 -13.98
C ARG B 73 -10.20 -19.59 -14.51
N GLY B 74 -11.24 -19.92 -15.25
CA GLY B 74 -12.15 -18.93 -15.77
C GLY B 74 -11.71 -18.28 -17.07
N SER B 75 -10.53 -18.62 -17.59
CA SER B 75 -10.04 -18.02 -18.83
C SER B 75 -8.91 -18.85 -19.40
N VAL B 76 -8.96 -19.11 -20.71
CA VAL B 76 -7.90 -19.77 -21.45
C VAL B 76 -7.77 -19.10 -22.81
N ARG B 77 -6.62 -19.34 -23.45
CA ARG B 77 -6.38 -18.86 -24.81
C ARG B 77 -6.55 -20.03 -25.77
N VAL B 78 -7.42 -19.86 -26.77
CA VAL B 78 -7.71 -20.90 -27.75
C VAL B 78 -7.34 -20.39 -29.15
N VAL B 79 -6.70 -21.25 -29.94
CA VAL B 79 -6.23 -20.88 -31.26
C VAL B 79 -7.15 -21.52 -32.29
N LEU B 80 -7.87 -20.69 -33.03
CA LEU B 80 -8.80 -21.09 -34.06
C LEU B 80 -8.32 -20.63 -35.43
N PRO B 81 -8.93 -21.13 -36.52
CA PRO B 81 -8.61 -20.60 -37.85
C PRO B 81 -8.72 -19.09 -37.98
N ALA B 82 -9.78 -18.49 -37.44
CA ALA B 82 -9.95 -17.05 -37.52
C ALA B 82 -8.91 -16.27 -36.71
N GLY B 83 -8.19 -16.93 -35.83
CA GLY B 83 -7.15 -16.29 -35.06
C GLY B 83 -7.18 -16.76 -33.62
N ALA B 84 -6.39 -16.10 -32.79
CA ALA B 84 -6.33 -16.44 -31.37
C ALA B 84 -7.46 -15.73 -30.64
N TYR B 85 -8.16 -16.47 -29.79
CA TYR B 85 -9.26 -15.92 -29.02
C TYR B 85 -9.08 -16.23 -27.55
N ARG B 86 -9.55 -15.32 -26.71
CA ARG B 86 -9.64 -15.55 -25.28
C ARG B 86 -11.03 -16.08 -24.97
N ALA B 87 -11.09 -17.24 -24.32
CA ALA B 87 -12.35 -17.79 -23.83
C ALA B 87 -12.51 -17.45 -22.36
N LEU B 88 -13.67 -16.91 -21.98
CA LEU B 88 -13.98 -16.52 -20.61
C LEU B 88 -15.21 -17.26 -20.15
N LEU B 89 -15.17 -17.80 -18.93
CA LEU B 89 -16.28 -18.60 -18.40
C LEU B 89 -16.71 -18.07 -17.05
N HIS B 90 -18.02 -17.87 -16.87
CA HIS B 90 -18.58 -17.56 -15.55
C HIS B 90 -19.95 -18.21 -15.48
N GLU B 91 -20.55 -18.17 -14.28
CA GLU B 91 -21.87 -18.73 -14.09
C GLU B 91 -22.87 -17.60 -13.84
N SER B 92 -24.04 -17.72 -14.46
CA SER B 92 -25.12 -16.78 -14.30
C SER B 92 -26.41 -17.52 -14.52
N ASP B 93 -27.39 -17.28 -13.64
CA ASP B 93 -28.74 -17.78 -13.85
C ASP B 93 -28.77 -19.31 -13.98
N GLY B 94 -27.89 -19.99 -13.26
CA GLY B 94 -27.83 -21.43 -13.38
C GLY B 94 -27.28 -21.94 -14.68
N LEU B 95 -26.64 -21.09 -15.48
CA LEU B 95 -26.06 -21.45 -16.75
C LEU B 95 -24.56 -21.21 -16.69
N THR B 96 -23.82 -21.97 -17.50
CA THR B 96 -22.40 -21.72 -17.70
C THR B 96 -22.27 -20.81 -18.90
N VAL B 97 -21.72 -19.62 -18.70
CA VAL B 97 -21.67 -18.60 -19.74
C VAL B 97 -20.26 -18.53 -20.30
N LEU B 98 -20.14 -18.76 -21.61
CA LEU B 98 -18.88 -18.71 -22.33
C LEU B 98 -18.87 -17.49 -23.25
N GLU B 99 -17.81 -16.70 -23.14
CA GLU B 99 -17.58 -15.55 -24.01
C GLU B 99 -16.25 -15.72 -24.73
N LEU B 100 -16.25 -15.35 -26.01
CA LEU B 100 -15.05 -15.38 -26.83
C LEU B 100 -14.80 -14.00 -27.42
N GLU B 101 -13.59 -13.50 -27.28
CA GLU B 101 -13.19 -12.23 -27.86
C GLU B 101 -11.74 -12.35 -28.34
N PRO B 102 -11.29 -11.46 -29.22
CA PRO B 102 -9.93 -11.59 -29.75
C PRO B 102 -8.90 -11.57 -28.62
N ALA B 103 -7.90 -12.44 -28.72
CA ALA B 103 -6.88 -12.54 -27.70
C ALA B 103 -5.78 -11.50 -27.89
N GLU B 104 -5.00 -11.30 -26.82
CA GLU B 104 -3.84 -10.42 -26.90
C GLU B 104 -2.85 -10.95 -27.91
N LEU B 105 -2.39 -10.09 -28.81
CA LEU B 105 -1.46 -10.52 -29.85
C LEU B 105 -0.01 -10.12 -29.62
N GLN B 106 0.27 -9.23 -28.65
CA GLN B 106 1.65 -8.82 -28.39
C GLN B 106 2.28 -9.79 -27.40
N PRO B 107 3.33 -10.52 -27.78
CA PRO B 107 3.93 -11.48 -26.85
C PRO B 107 4.50 -10.82 -25.61
N GLY B 108 5.01 -9.60 -25.72
CA GLY B 108 5.61 -8.87 -24.64
C GLY B 108 4.69 -8.02 -23.80
N MET B 109 3.37 -8.18 -23.96
CA MET B 109 2.42 -7.36 -23.20
C MET B 109 2.69 -7.44 -21.69
N GLU B 110 2.79 -8.66 -21.15
CA GLU B 110 2.94 -8.79 -19.71
C GLU B 110 4.29 -8.27 -19.22
N GLU B 111 5.34 -8.39 -20.04
CA GLU B 111 6.63 -7.79 -19.71
C GLU B 111 6.49 -6.27 -19.61
N THR B 112 5.79 -5.67 -20.56
CA THR B 112 5.52 -4.24 -20.49
C THR B 112 4.69 -3.91 -19.26
N ALA B 113 3.70 -4.76 -18.94
CA ALA B 113 2.86 -4.52 -17.78
C ALA B 113 3.66 -4.49 -16.49
N LEU B 114 4.60 -5.43 -16.33
CA LEU B 114 5.46 -5.42 -15.14
C LEU B 114 6.30 -4.14 -15.07
N GLU B 115 6.78 -3.65 -16.20
CA GLU B 115 7.57 -2.42 -16.17
C GLU B 115 6.76 -1.23 -15.69
N VAL B 116 5.49 -1.12 -16.12
CA VAL B 116 4.71 0.01 -15.63
C VAL B 116 4.29 -0.20 -14.17
N VAL B 117 4.08 -1.45 -13.76
CA VAL B 117 3.84 -1.75 -12.34
C VAL B 117 5.00 -1.24 -11.49
N ARG B 118 6.24 -1.42 -11.96
CA ARG B 118 7.41 -0.93 -11.23
C ARG B 118 7.38 0.58 -11.07
N ARG B 119 6.94 1.31 -12.10
CA ARG B 119 6.84 2.75 -12.01
C ARG B 119 5.81 3.17 -10.98
N LEU B 120 4.72 2.44 -10.88
CA LEU B 120 3.67 2.79 -9.92
C LEU B 120 3.96 2.25 -8.53
N VAL B 121 4.74 1.18 -8.41
CA VAL B 121 5.18 0.69 -7.11
C VAL B 121 6.67 0.97 -6.92
N SER B 122 7.14 2.08 -7.47
CA SER B 122 8.52 2.50 -7.25
C SER B 122 8.77 2.62 -5.74
N PRO B 123 10.02 2.40 -5.30
CA PRO B 123 10.35 2.62 -3.88
C PRO B 123 9.79 3.96 -3.40
N LEU B 124 8.58 3.91 -2.84
CA LEU B 124 7.79 5.09 -2.52
C LEU B 124 7.54 5.94 -3.78
N ALA B 125 6.70 5.39 -4.66
CA ALA B 125 6.17 6.15 -5.78
C ALA B 125 5.11 7.10 -5.26
N GLY B 126 5.15 8.35 -5.73
CA GLY B 126 4.34 9.39 -5.15
C GLY B 126 5.01 9.94 -3.90
N VAL B 127 6.29 10.30 -4.05
CA VAL B 127 7.11 10.75 -2.92
C VAL B 127 7.01 12.25 -2.69
N LYS B 128 6.34 13.00 -3.58
CA LYS B 128 6.03 14.39 -3.34
C LYS B 128 4.60 14.67 -3.80
N GLY B 129 3.65 14.08 -3.09
CA GLY B 129 2.24 14.40 -3.18
C GLY B 129 1.46 13.27 -3.85
N THR B 130 0.29 12.98 -3.29
CA THR B 130 -0.62 12.01 -3.91
C THR B 130 -1.04 12.44 -5.30
N GLN B 131 -0.98 13.73 -5.61
CA GLN B 131 -1.20 14.16 -6.99
C GLN B 131 -0.24 13.45 -7.94
N ALA B 132 1.02 13.27 -7.51
CA ALA B 132 1.99 12.55 -8.34
C ALA B 132 1.59 11.10 -8.54
N LEU B 133 0.98 10.48 -7.51
CA LEU B 133 0.49 9.11 -7.65
C LEU B 133 -0.61 9.05 -8.70
N LEU B 134 -1.54 10.01 -8.64
CA LEU B 134 -2.64 10.02 -9.61
C LEU B 134 -2.11 10.19 -11.03
N GLN B 135 -1.14 11.08 -11.22
CA GLN B 135 -0.59 11.28 -12.56
C GLN B 135 0.15 10.04 -13.05
N THR B 136 0.92 9.40 -12.18
CA THR B 136 1.62 8.18 -12.60
C THR B 136 0.62 7.10 -13.01
N ALA B 137 -0.48 6.97 -12.26
CA ALA B 137 -1.50 5.99 -12.64
C ALA B 137 -2.13 6.31 -14.00
N ALA B 138 -2.45 7.59 -14.24
CA ALA B 138 -3.00 7.97 -15.53
C ALA B 138 -2.00 7.69 -16.65
N ASP B 139 -0.74 8.05 -16.42
CA ASP B 139 0.28 7.87 -17.45
C ASP B 139 0.54 6.40 -17.75
N THR B 140 0.59 5.56 -16.71
CA THR B 140 0.89 4.14 -16.94
C THR B 140 -0.26 3.41 -17.61
N VAL B 141 -1.50 3.72 -17.21
CA VAL B 141 -2.63 3.14 -17.91
C VAL B 141 -2.66 3.58 -19.37
N ARG B 142 -2.39 4.86 -19.64
CA ARG B 142 -2.32 5.29 -21.04
C ARG B 142 -1.23 4.58 -21.81
N ALA B 143 -0.06 4.40 -21.20
CA ALA B 143 1.02 3.68 -21.86
C ALA B 143 0.61 2.24 -22.18
N LEU B 144 -0.07 1.58 -21.24
CA LEU B 144 -0.43 0.18 -21.41
C LEU B 144 -1.59 -0.01 -22.38
N THR B 145 -2.56 0.91 -22.41
CA THR B 145 -3.72 0.74 -23.28
C THR B 145 -3.58 1.38 -24.64
N GLY B 146 -2.78 2.44 -24.75
CA GLY B 146 -2.78 3.22 -25.98
C GLY B 146 -4.00 4.10 -26.19
N PHE B 147 -4.85 4.29 -25.17
CA PHE B 147 -5.99 5.16 -25.32
C PHE B 147 -5.57 6.63 -25.42
N ASP B 148 -6.32 7.40 -26.22
CA ASP B 148 -5.99 8.81 -26.47
C ASP B 148 -6.01 9.63 -25.18
N ARG B 149 -6.91 9.33 -24.26
CA ARG B 149 -7.10 10.16 -23.07
C ARG B 149 -7.44 9.27 -21.89
N VAL B 150 -6.71 9.44 -20.79
CA VAL B 150 -6.95 8.67 -19.56
C VAL B 150 -7.14 9.67 -18.42
N MET B 151 -8.18 9.48 -17.63
CA MET B 151 -8.51 10.42 -16.56
C MET B 151 -8.75 9.67 -15.25
N VAL B 152 -8.28 10.26 -14.16
CA VAL B 152 -8.60 9.76 -12.83
C VAL B 152 -9.77 10.58 -12.29
N TYR B 153 -10.88 9.91 -12.03
CA TYR B 153 -12.15 10.55 -11.68
C TYR B 153 -12.52 10.16 -10.26
N ARG B 154 -12.70 11.14 -9.38
CA ARG B 154 -13.02 10.87 -7.97
C ARG B 154 -14.47 11.25 -7.66
N PHE B 155 -15.19 10.34 -6.99
CA PHE B 155 -16.53 10.64 -6.50
C PHE B 155 -16.47 11.47 -5.23
N ASP B 156 -17.22 12.56 -5.22
CA ASP B 156 -17.34 13.38 -4.03
C ASP B 156 -18.49 12.86 -3.16
N ALA B 157 -18.72 13.53 -2.02
CA ALA B 157 -19.63 12.99 -1.02
C ALA B 157 -21.05 12.85 -1.54
N ASP B 158 -21.47 13.69 -2.48
CA ASP B 158 -22.82 13.62 -3.03
C ASP B 158 -22.90 12.80 -4.31
N TRP B 159 -21.83 12.07 -4.64
CA TRP B 159 -21.70 11.18 -5.80
C TRP B 159 -21.51 11.89 -7.13
N HIS B 160 -21.54 13.22 -7.17
CA HIS B 160 -20.96 13.88 -8.32
C HIS B 160 -19.45 13.68 -8.24
N GLY B 161 -18.75 13.84 -9.37
CA GLY B 161 -17.33 13.59 -9.42
C GLY B 161 -16.54 14.68 -10.12
N GLU B 162 -15.22 14.54 -10.04
CA GLU B 162 -14.32 15.50 -10.66
C GLU B 162 -13.06 14.80 -11.16
N VAL B 163 -12.53 15.32 -12.26
CA VAL B 163 -11.31 14.77 -12.85
C VAL B 163 -10.11 15.35 -12.11
N LEU B 164 -9.37 14.49 -11.40
CA LEU B 164 -8.24 14.96 -10.60
C LEU B 164 -6.91 14.93 -11.34
N ALA B 165 -6.75 14.02 -12.31
CA ALA B 165 -5.53 13.94 -13.08
C ALA B 165 -5.88 13.42 -14.47
N GLU B 166 -5.02 13.73 -15.42
CA GLU B 166 -5.30 13.41 -16.82
C GLU B 166 -3.98 13.15 -17.53
N SER B 167 -3.99 12.18 -18.43
CA SER B 167 -2.88 11.90 -19.32
C SER B 167 -3.45 11.78 -20.73
N LYS B 168 -2.95 12.59 -21.66
CA LYS B 168 -3.55 12.56 -22.98
C LYS B 168 -2.53 12.88 -24.06
N ARG B 169 -2.78 12.34 -25.25
CA ARG B 169 -1.97 12.64 -26.42
C ARG B 169 -2.00 14.15 -26.69
N GLY B 170 -0.90 14.63 -27.29
CA GLY B 170 -0.81 16.02 -27.71
C GLY B 170 -1.89 16.39 -28.70
N GLY B 171 -2.55 17.52 -28.48
CA GLY B 171 -3.62 17.95 -29.34
C GLY B 171 -5.01 17.55 -28.88
N MET B 172 -5.13 16.63 -27.94
CA MET B 172 -6.42 16.27 -27.39
C MET B 172 -6.94 17.38 -26.49
N ASP B 173 -8.26 17.57 -26.51
CA ASP B 173 -8.90 18.27 -25.42
C ASP B 173 -9.01 17.33 -24.22
N GLY B 174 -9.33 17.90 -23.06
CA GLY B 174 -9.45 17.11 -21.86
C GLY B 174 -10.46 17.71 -20.90
N PHE B 175 -10.58 17.06 -19.75
CA PHE B 175 -11.56 17.45 -18.74
C PHE B 175 -10.92 17.70 -17.38
N LEU B 176 -9.59 17.90 -17.34
CA LEU B 176 -8.90 18.07 -16.07
C LEU B 176 -9.53 19.18 -15.25
N GLY B 177 -9.79 18.88 -13.98
CA GLY B 177 -10.36 19.83 -13.05
C GLY B 177 -11.86 20.01 -13.13
N MET B 178 -12.53 19.35 -14.06
CA MET B 178 -13.96 19.59 -14.27
C MET B 178 -14.82 18.63 -13.46
N HIS B 179 -16.01 19.10 -13.11
CA HIS B 179 -16.99 18.39 -12.29
C HIS B 179 -18.16 17.91 -13.13
N PHE B 180 -18.72 16.76 -12.77
CA PHE B 180 -19.77 16.13 -13.55
C PHE B 180 -20.88 15.70 -12.59
N PRO B 181 -22.15 15.79 -13.02
CA PRO B 181 -23.26 15.43 -12.14
C PRO B 181 -23.24 13.96 -11.72
N ALA B 182 -23.83 13.70 -10.56
CA ALA B 182 -23.95 12.32 -10.08
C ALA B 182 -24.73 11.44 -11.04
N THR B 183 -25.70 12.03 -11.75
CA THR B 183 -26.51 11.27 -12.70
C THR B 183 -25.74 10.83 -13.94
N ASP B 184 -24.53 11.35 -14.17
CA ASP B 184 -23.69 10.83 -15.25
C ASP B 184 -23.34 9.36 -15.05
N ILE B 185 -23.26 8.90 -13.80
CA ILE B 185 -23.03 7.49 -13.49
C ILE B 185 -24.07 7.12 -12.43
N PRO B 186 -25.22 6.65 -12.85
CA PRO B 186 -26.35 6.53 -11.91
C PRO B 186 -26.21 5.39 -10.91
N VAL B 187 -27.16 5.28 -9.99
CA VAL B 187 -26.98 4.47 -8.79
C VAL B 187 -26.75 3.01 -9.14
N GLN B 188 -27.49 2.48 -10.12
CA GLN B 188 -27.35 1.06 -10.42
C GLN B 188 -26.07 0.76 -11.19
N ALA B 189 -25.57 1.75 -11.92
CA ALA B 189 -24.25 1.60 -12.55
C ALA B 189 -23.16 1.58 -11.48
N ARG B 190 -23.23 2.49 -10.51
CA ARG B 190 -22.23 2.49 -9.44
C ARG B 190 -22.28 1.18 -8.66
N ALA B 191 -23.48 0.63 -8.44
CA ALA B 191 -23.58 -0.65 -7.78
C ALA B 191 -22.92 -1.75 -8.60
N LEU B 192 -23.24 -1.82 -9.90
CA LEU B 192 -22.62 -2.84 -10.74
C LEU B 192 -21.11 -2.70 -10.77
N TYR B 193 -20.60 -1.47 -10.82
CA TYR B 193 -19.15 -1.25 -10.92
C TYR B 193 -18.42 -1.53 -9.62
N THR B 194 -19.14 -1.67 -8.51
CA THR B 194 -18.50 -2.10 -7.27
C THR B 194 -18.25 -3.60 -7.28
N ARG B 195 -19.09 -4.36 -8.01
CA ARG B 195 -19.02 -5.81 -8.13
C ARG B 195 -18.16 -6.26 -9.32
N ASN B 196 -18.29 -5.59 -10.45
CA ASN B 196 -17.56 -5.91 -11.68
C ASN B 196 -16.71 -4.68 -11.98
N PRO B 197 -15.40 -4.73 -11.72
CA PRO B 197 -14.58 -3.51 -11.69
C PRO B 197 -13.96 -3.08 -13.02
N LEU B 198 -14.33 -3.68 -14.15
CA LEU B 198 -13.80 -3.31 -15.45
C LEU B 198 -14.92 -3.31 -16.48
N ARG B 199 -14.85 -2.39 -17.44
CA ARG B 199 -15.79 -2.44 -18.56
C ARG B 199 -15.15 -1.81 -19.79
N LEU B 200 -15.28 -2.48 -20.94
CA LEU B 200 -14.77 -1.95 -22.21
C LEU B 200 -15.93 -1.75 -23.17
N ILE B 201 -15.97 -0.58 -23.80
CA ILE B 201 -16.89 -0.29 -24.91
C ILE B 201 -16.00 -0.10 -26.13
N ALA B 202 -15.84 -1.16 -26.93
CA ALA B 202 -14.82 -1.16 -27.97
C ALA B 202 -15.20 -0.29 -29.15
N ASP B 203 -16.49 -0.14 -29.43
CA ASP B 203 -16.95 0.68 -30.56
C ASP B 203 -18.27 1.32 -30.14
N ALA B 204 -18.20 2.59 -29.73
CA ALA B 204 -19.37 3.29 -29.22
C ALA B 204 -20.46 3.49 -30.28
N ARG B 205 -20.12 3.34 -31.56
CA ARG B 205 -21.11 3.49 -32.62
C ARG B 205 -21.70 2.17 -33.08
N ALA B 206 -21.18 1.03 -32.63
CA ALA B 206 -21.67 -0.26 -33.09
C ALA B 206 -23.02 -0.56 -32.46
N ARG B 207 -23.88 -1.24 -33.22
CA ARG B 207 -25.18 -1.69 -32.72
C ARG B 207 -25.01 -2.94 -31.85
N PRO B 208 -25.88 -3.12 -30.86
CA PRO B 208 -25.81 -4.34 -30.04
C PRO B 208 -26.17 -5.57 -30.84
N VAL B 209 -25.61 -6.69 -30.43
CA VAL B 209 -25.95 -8.00 -30.99
C VAL B 209 -26.93 -8.66 -30.02
N PRO B 210 -28.14 -9.02 -30.46
CA PRO B 210 -29.11 -9.59 -29.51
C PRO B 210 -28.78 -11.03 -29.18
N LEU B 211 -29.22 -11.43 -27.99
CA LEU B 211 -29.16 -12.82 -27.58
C LEU B 211 -30.42 -13.54 -28.02
N LEU B 212 -30.28 -14.83 -28.32
CA LEU B 212 -31.37 -15.70 -28.70
C LEU B 212 -31.41 -16.87 -27.73
N PRO B 213 -32.58 -17.24 -27.20
CA PRO B 213 -33.86 -16.51 -27.26
C PRO B 213 -33.76 -15.20 -26.47
N PRO B 214 -34.76 -14.32 -26.54
CA PRO B 214 -34.66 -13.04 -25.82
C PRO B 214 -34.84 -13.16 -24.33
N VAL B 215 -35.25 -14.32 -23.81
CA VAL B 215 -35.29 -14.57 -22.39
C VAL B 215 -34.63 -15.91 -22.11
N VAL B 216 -34.15 -16.07 -20.89
CA VAL B 216 -33.84 -17.41 -20.39
C VAL B 216 -35.18 -18.09 -20.14
N PRO B 217 -35.51 -19.16 -20.87
CA PRO B 217 -36.88 -19.70 -20.78
C PRO B 217 -37.35 -20.04 -19.38
N ALA B 218 -36.48 -20.57 -18.53
CA ALA B 218 -36.89 -20.91 -17.17
C ALA B 218 -37.27 -19.66 -16.37
N LEU B 219 -36.71 -18.51 -16.72
CA LEU B 219 -36.86 -17.30 -15.90
C LEU B 219 -37.84 -16.29 -16.48
N GLY B 220 -38.04 -16.27 -17.80
CA GLY B 220 -38.91 -15.25 -18.35
C GLY B 220 -38.34 -13.85 -18.35
N ARG B 221 -37.03 -13.71 -18.27
CA ARG B 221 -36.36 -12.42 -18.40
C ARG B 221 -35.03 -12.68 -19.09
N PRO B 222 -34.37 -11.63 -19.60
CA PRO B 222 -33.08 -11.82 -20.26
C PRO B 222 -32.03 -12.37 -19.32
N LEU B 223 -31.01 -13.01 -19.90
CA LEU B 223 -29.85 -13.48 -19.15
C LEU B 223 -29.22 -12.33 -18.38
N ASP B 224 -28.86 -12.59 -17.12
CA ASP B 224 -28.17 -11.60 -16.31
C ASP B 224 -26.72 -11.49 -16.78
N LEU B 225 -26.38 -10.35 -17.37
CA LEU B 225 -25.05 -10.09 -17.93
C LEU B 225 -24.16 -9.28 -16.98
N SER B 226 -24.50 -9.23 -15.70
CA SER B 226 -23.70 -8.46 -14.74
C SER B 226 -22.20 -8.74 -14.84
N ASN B 227 -21.83 -10.01 -15.04
CA ASN B 227 -20.42 -10.38 -15.02
C ASN B 227 -19.87 -10.67 -16.40
N SER B 228 -20.59 -10.27 -17.44
CA SER B 228 -20.20 -10.51 -18.82
C SER B 228 -19.24 -9.43 -19.32
N ALA B 229 -18.13 -9.86 -19.94
CA ALA B 229 -17.17 -8.93 -20.52
C ALA B 229 -17.70 -8.28 -21.79
N LEU B 230 -18.62 -8.94 -22.48
CA LEU B 230 -19.13 -8.49 -23.77
C LEU B 230 -20.41 -7.67 -23.65
N ARG B 231 -20.93 -7.46 -22.45
CA ARG B 231 -22.24 -6.84 -22.27
C ARG B 231 -22.31 -5.50 -22.99
N SER B 232 -23.34 -5.33 -23.79
CA SER B 232 -23.60 -4.04 -24.42
C SER B 232 -24.19 -3.10 -23.38
N VAL B 233 -23.68 -1.86 -23.35
CA VAL B 233 -24.03 -0.93 -22.28
C VAL B 233 -25.29 -0.12 -22.59
N SER B 234 -25.72 0.67 -21.61
CA SER B 234 -26.94 1.44 -21.74
C SER B 234 -26.91 2.31 -22.98
N PRO B 235 -27.96 2.30 -23.80
CA PRO B 235 -27.98 3.21 -24.97
C PRO B 235 -27.84 4.68 -24.61
N VAL B 236 -28.31 5.13 -23.44
CA VAL B 236 -28.14 6.54 -23.10
C VAL B 236 -26.66 6.86 -22.91
N HIS B 237 -25.89 5.91 -22.37
CA HIS B 237 -24.47 6.16 -22.23
C HIS B 237 -23.77 6.17 -23.58
N LEU B 238 -24.17 5.28 -24.50
CA LEU B 238 -23.57 5.32 -25.83
C LEU B 238 -23.81 6.67 -26.49
N GLU B 239 -25.00 7.26 -26.30
CA GLU B 239 -25.26 8.58 -26.82
C GLU B 239 -24.39 9.62 -26.14
N TYR B 240 -24.18 9.47 -24.83
CA TYR B 240 -23.30 10.36 -24.08
C TYR B 240 -21.89 10.35 -24.67
N LEU B 241 -21.34 9.16 -24.93
CA LEU B 241 -20.01 9.08 -25.54
C LEU B 241 -19.99 9.73 -26.91
N ARG B 242 -21.05 9.50 -27.70
CA ARG B 242 -21.16 10.15 -29.01
C ARG B 242 -21.11 11.66 -28.86
N ASN B 243 -21.87 12.21 -27.90
CA ASN B 243 -21.89 13.66 -27.73
C ASN B 243 -20.55 14.19 -27.24
N MET B 244 -19.77 13.35 -26.56
CA MET B 244 -18.42 13.71 -26.15
C MET B 244 -17.42 13.61 -27.29
N GLY B 245 -17.82 12.99 -28.39
CA GLY B 245 -16.89 12.72 -29.48
C GLY B 245 -16.00 11.52 -29.24
N VAL B 246 -16.43 10.56 -28.42
CA VAL B 246 -15.62 9.42 -28.03
C VAL B 246 -16.05 8.19 -28.81
N GLY B 247 -15.08 7.49 -29.40
CA GLY B 247 -15.32 6.32 -30.21
C GLY B 247 -15.18 4.99 -29.50
N ALA B 248 -14.45 4.98 -28.38
CA ALA B 248 -14.29 3.77 -27.57
C ALA B 248 -13.97 4.21 -26.15
N SER B 249 -14.34 3.38 -25.18
CA SER B 249 -14.22 3.77 -23.78
C SER B 249 -13.87 2.56 -22.94
N PHE B 250 -13.03 2.76 -21.92
CA PHE B 250 -12.61 1.68 -21.02
C PHE B 250 -12.45 2.28 -19.64
N SER B 251 -13.17 1.77 -18.66
CA SER B 251 -13.02 2.29 -17.30
C SER B 251 -12.78 1.16 -16.30
N LEU B 252 -12.09 1.52 -15.23
CA LEU B 252 -11.74 0.60 -14.15
C LEU B 252 -12.17 1.24 -12.84
N SER B 253 -12.85 0.46 -11.99
CA SER B 253 -13.27 0.93 -10.68
C SER B 253 -12.10 1.03 -9.72
N LEU B 254 -12.02 2.15 -9.00
CA LEU B 254 -11.05 2.33 -7.93
C LEU B 254 -11.78 2.01 -6.63
N LEU B 255 -11.45 0.86 -6.04
CA LEU B 255 -12.05 0.39 -4.79
C LEU B 255 -10.98 0.49 -3.71
N LYS B 256 -11.17 1.41 -2.76
CA LYS B 256 -10.07 1.76 -1.88
C LYS B 256 -10.10 1.03 -0.55
N GLU B 257 -11.27 0.88 0.06
CA GLU B 257 -11.41 0.06 1.27
C GLU B 257 -12.78 -0.61 1.25
N GLY B 258 -13.11 -1.23 0.12
CA GLY B 258 -14.43 -1.79 -0.09
C GLY B 258 -15.41 -0.85 -0.76
N VAL B 259 -15.10 0.44 -0.85
CA VAL B 259 -16.03 1.45 -1.34
C VAL B 259 -15.55 1.96 -2.68
N LEU B 260 -16.51 2.32 -3.53
CA LEU B 260 -16.20 2.87 -4.85
C LEU B 260 -15.74 4.31 -4.67
N TRP B 261 -14.43 4.53 -4.80
CA TRP B 261 -13.80 5.83 -4.59
C TRP B 261 -13.81 6.66 -5.86
N GLY B 262 -13.70 6.01 -7.00
CA GLY B 262 -13.57 6.72 -8.25
C GLY B 262 -13.40 5.73 -9.37
N LEU B 263 -13.00 6.25 -10.52
CA LEU B 263 -12.73 5.45 -11.71
C LEU B 263 -11.47 5.96 -12.37
N ILE B 264 -10.79 5.07 -13.07
CA ILE B 264 -9.88 5.46 -14.15
C ILE B 264 -10.68 5.29 -15.43
N ALA B 265 -10.90 6.39 -16.14
CA ALA B 265 -11.72 6.41 -17.36
C ALA B 265 -10.82 6.70 -18.55
N CYS B 266 -10.98 5.92 -19.61
CA CYS B 266 -10.15 6.04 -20.82
C CYS B 266 -11.06 6.27 -22.01
N HIS B 267 -10.68 7.23 -22.84
CA HIS B 267 -11.41 7.54 -24.08
C HIS B 267 -10.47 7.46 -25.27
N HIS B 268 -11.00 6.95 -26.38
CA HIS B 268 -10.30 6.93 -27.66
C HIS B 268 -11.19 7.59 -28.70
N LEU B 269 -10.57 8.25 -29.66
CA LEU B 269 -11.34 8.95 -30.68
C LEU B 269 -11.94 8.01 -31.72
N GLU B 270 -11.38 6.82 -31.89
CA GLU B 270 -11.87 5.82 -32.82
C GLU B 270 -12.08 4.52 -32.06
N PRO B 271 -12.76 3.53 -32.68
CA PRO B 271 -12.91 2.23 -32.03
C PRO B 271 -11.57 1.62 -31.67
N LEU B 272 -11.54 0.91 -30.54
CA LEU B 272 -10.31 0.27 -30.08
C LEU B 272 -10.67 -0.88 -29.16
N HIS B 273 -10.16 -2.07 -29.47
CA HIS B 273 -10.31 -3.23 -28.60
C HIS B 273 -9.04 -3.45 -27.78
N ILE B 274 -9.22 -3.63 -26.48
CA ILE B 274 -8.15 -3.99 -25.54
C ILE B 274 -8.43 -5.43 -25.13
N SER B 275 -7.42 -6.31 -25.26
CA SER B 275 -7.63 -7.70 -24.92
C SER B 275 -7.98 -7.85 -23.43
N HIS B 276 -8.62 -8.98 -23.10
CA HIS B 276 -8.94 -9.28 -21.70
C HIS B 276 -7.68 -9.30 -20.84
N GLU B 277 -6.62 -9.91 -21.36
CA GLU B 277 -5.36 -9.96 -20.64
C GLU B 277 -4.80 -8.56 -20.38
N ARG B 278 -4.93 -7.67 -21.37
CA ARG B 278 -4.40 -6.32 -21.19
C ARG B 278 -5.29 -5.51 -20.23
N ARG B 279 -6.61 -5.68 -20.30
CA ARG B 279 -7.50 -5.08 -19.30
C ARG B 279 -7.16 -5.53 -17.87
N ARG B 280 -6.88 -6.82 -17.68
CA ARG B 280 -6.55 -7.30 -16.34
C ARG B 280 -5.19 -6.79 -15.87
N ALA B 281 -4.28 -6.53 -16.80
CA ALA B 281 -3.03 -5.88 -16.42
C ALA B 281 -3.29 -4.45 -15.95
N CYS B 282 -4.18 -3.73 -16.64
CA CYS B 282 -4.58 -2.42 -16.16
C CYS B 282 -5.26 -2.49 -14.81
N GLU B 283 -6.02 -3.56 -14.57
CA GLU B 283 -6.64 -3.75 -13.25
C GLU B 283 -5.59 -3.82 -12.14
N VAL B 284 -4.44 -4.45 -12.40
CA VAL B 284 -3.35 -4.46 -11.42
C VAL B 284 -2.91 -3.04 -11.10
N LEU B 285 -2.74 -2.20 -12.13
CA LEU B 285 -2.35 -0.81 -11.89
C LEU B 285 -3.38 -0.08 -11.03
N THR B 286 -4.67 -0.30 -11.30
CA THR B 286 -5.69 0.37 -10.51
C THR B 286 -5.71 -0.14 -9.08
N GLN B 287 -5.49 -1.44 -8.88
CA GLN B 287 -5.43 -1.92 -7.50
C GLN B 287 -4.20 -1.39 -6.79
N LEU B 288 -3.10 -1.23 -7.52
CA LEU B 288 -1.90 -0.66 -6.92
C LEU B 288 -2.10 0.81 -6.56
N LEU B 289 -2.78 1.56 -7.43
CA LEU B 289 -3.09 2.94 -7.07
C LEU B 289 -3.92 2.99 -5.78
N ALA B 290 -4.96 2.16 -5.70
CA ALA B 290 -5.79 2.16 -4.50
C ALA B 290 -4.97 1.85 -3.27
N LEU B 291 -4.07 0.87 -3.36
CA LEU B 291 -3.21 0.54 -2.24
C LEU B 291 -2.27 1.69 -1.86
N GLN B 292 -1.68 2.34 -2.86
CA GLN B 292 -0.81 3.49 -2.57
C GLN B 292 -1.58 4.63 -1.93
N LEU B 293 -2.80 4.91 -2.43
CA LEU B 293 -3.61 5.96 -1.84
C LEU B 293 -3.96 5.66 -0.39
N SER B 294 -4.31 4.40 -0.11
CA SER B 294 -4.63 4.01 1.26
C SER B 294 -3.42 4.17 2.17
N ALA B 295 -2.25 3.72 1.71
CA ALA B 295 -1.05 3.82 2.53
C ALA B 295 -0.72 5.27 2.85
N GLU B 296 -0.83 6.15 1.85
CA GLU B 296 -0.53 7.55 2.08
C GLU B 296 -1.56 8.21 2.99
N GLU B 297 -2.85 7.90 2.80
CA GLU B 297 -3.88 8.53 3.59
C GLU B 297 -3.77 8.10 5.05
N ARG B 298 -3.47 6.83 5.29
CA ARG B 298 -3.33 6.38 6.67
C ARG B 298 -2.08 6.96 7.32
N ALA B 299 -0.98 7.05 6.56
CA ALA B 299 0.21 7.70 7.10
C ALA B 299 -0.06 9.16 7.45
N ALA B 300 -0.81 9.86 6.59
CA ALA B 300 -1.13 11.26 6.87
C ALA B 300 -1.98 11.38 8.13
N GLU B 301 -2.94 10.48 8.30
CA GLU B 301 -3.75 10.49 9.52
C GLU B 301 -2.87 10.29 10.74
N ALA B 302 -1.93 9.35 10.68
CA ALA B 302 -1.04 9.14 11.81
C ALA B 302 -0.21 10.38 12.11
N SER B 303 0.33 11.01 11.07
CA SER B 303 1.12 12.23 11.28
C SER B 303 0.28 13.35 11.87
N GLU B 304 -0.94 13.54 11.35
CA GLU B 304 -1.81 14.59 11.89
C GLU B 304 -2.16 14.30 13.33
N ASP B 305 -2.40 13.02 13.66
CA ASP B 305 -2.71 12.65 15.04
C ASP B 305 -1.58 13.02 15.98
N ALA B 306 -0.33 12.76 15.58
CA ALA B 306 0.83 13.11 16.39
C ALA B 306 0.89 14.62 16.63
N HIS B 307 0.56 15.41 15.62
CA HIS B 307 0.55 16.86 15.79
C HIS B 307 -0.50 17.29 16.80
N ARG B 308 -1.69 16.67 16.76
CA ARG B 308 -2.72 17.03 17.71
C ARG B 308 -2.32 16.66 19.13
N ALA B 309 -1.73 15.48 19.32
CA ALA B 309 -1.28 15.10 20.65
C ALA B 309 -0.22 16.07 21.16
N ALA B 310 0.71 16.46 20.28
CA ALA B 310 1.73 17.44 20.67
C ALA B 310 1.10 18.76 21.09
N LEU B 311 0.09 19.23 20.35
CA LEU B 311 -0.59 20.46 20.72
C LEU B 311 -1.29 20.33 22.08
N LEU B 312 -1.94 19.20 22.33
CA LEU B 312 -2.55 18.99 23.65
C LEU B 312 -1.51 19.01 24.74
N GLY B 313 -0.35 18.38 24.52
CA GLY B 313 0.72 18.42 25.51
C GLY B 313 1.25 19.84 25.73
N GLN B 314 1.40 20.60 24.64
CA GLN B 314 1.90 21.96 24.77
C GLN B 314 0.92 22.84 25.54
N LEU B 315 -0.39 22.65 25.32
CA LEU B 315 -1.39 23.40 26.05
C LEU B 315 -1.40 23.04 27.53
N ALA B 316 -1.18 21.77 27.85
CA ALA B 316 -1.13 21.35 29.24
C ALA B 316 0.05 22.00 29.97
N THR B 317 1.22 22.03 29.33
CA THR B 317 2.35 22.75 29.90
C THR B 317 2.01 24.23 30.12
N ALA B 318 1.37 24.85 29.12
CA ALA B 318 1.04 26.27 29.26
C ALA B 318 0.06 26.51 30.40
N MET B 319 -0.86 25.57 30.60
CA MET B 319 -1.82 25.67 31.70
C MET B 319 -1.14 25.59 33.04
N GLY B 320 -0.05 24.84 33.14
CA GLY B 320 0.63 24.67 34.42
C GLY B 320 1.65 25.74 34.74
N GLU B 321 2.06 26.53 33.74
CA GLU B 321 3.07 27.56 33.94
C GLU B 321 2.51 28.86 34.54
N GLY B 322 1.35 28.78 35.21
CA GLY B 322 0.84 29.91 35.95
C GLY B 322 -0.11 30.80 35.18
N GLY B 323 -1.23 31.14 35.81
CA GLY B 323 -2.15 32.09 35.22
C GLY B 323 -3.58 31.63 35.22
N THR B 324 -4.51 32.57 35.02
CA THR B 324 -5.90 32.20 34.86
C THR B 324 -6.11 31.57 33.49
N LEU B 325 -7.18 30.78 33.37
CA LEU B 325 -7.49 30.13 32.10
C LEU B 325 -7.64 31.17 31.00
N GLU B 326 -8.45 32.21 31.24
CA GLU B 326 -8.67 33.25 30.24
C GLU B 326 -7.37 33.83 29.73
N GLU B 327 -6.35 33.93 30.58
CA GLU B 327 -5.06 34.46 30.15
C GLU B 327 -4.28 33.45 29.33
N VAL B 328 -4.22 32.19 29.79
CA VAL B 328 -3.45 31.18 29.09
C VAL B 328 -4.04 30.89 27.71
N LEU B 329 -5.37 30.75 27.62
CA LEU B 329 -5.97 30.39 26.35
C LEU B 329 -5.91 31.54 25.35
N GLU B 330 -5.97 32.78 25.83
CA GLU B 330 -5.74 33.91 24.93
C GLU B 330 -4.29 33.95 24.47
N LYS B 331 -3.34 33.80 25.39
CA LYS B 331 -1.94 33.79 25.01
C LYS B 331 -1.63 32.64 24.06
N GLU B 332 -2.22 31.47 24.31
CA GLU B 332 -2.01 30.29 23.48
C GLU B 332 -3.07 30.15 22.39
N SER B 333 -3.63 31.27 21.93
CA SER B 333 -4.72 31.21 20.96
C SER B 333 -4.33 30.41 19.72
N GLU B 334 -3.12 30.61 19.21
CA GLU B 334 -2.69 29.89 18.01
C GLU B 334 -2.80 28.38 18.21
N ARG B 335 -2.30 27.87 19.34
CA ARG B 335 -2.34 26.42 19.59
C ARG B 335 -3.76 25.92 19.80
N VAL B 336 -4.57 26.64 20.58
CA VAL B 336 -5.94 26.20 20.84
C VAL B 336 -6.73 26.12 19.54
N LEU B 337 -6.50 27.07 18.63
CA LEU B 337 -7.22 27.07 17.36
C LEU B 337 -6.66 26.00 16.44
N ALA B 338 -5.36 25.74 16.51
CA ALA B 338 -4.74 24.72 15.66
C ALA B 338 -5.18 23.31 16.02
N LEU B 339 -5.71 23.10 17.23
CA LEU B 339 -6.22 21.78 17.60
C LEU B 339 -7.18 21.25 16.54
N THR B 340 -8.03 22.12 16.01
CA THR B 340 -9.06 21.72 15.07
C THR B 340 -8.94 22.47 13.76
N GLY B 341 -7.79 23.09 13.50
CA GLY B 341 -7.60 23.89 12.31
C GLY B 341 -8.64 24.98 12.19
N ALA B 342 -8.94 25.66 13.29
CA ALA B 342 -10.02 26.65 13.39
C ALA B 342 -9.46 28.05 13.33
N ALA B 343 -10.37 29.01 13.14
CA ALA B 343 -10.03 30.43 13.16
C ALA B 343 -10.56 31.15 14.38
N GLY B 344 -11.38 30.50 15.20
CA GLY B 344 -11.81 31.07 16.48
C GLY B 344 -12.41 29.99 17.35
N VAL B 345 -12.62 30.33 18.63
CA VAL B 345 -13.21 29.38 19.57
C VAL B 345 -13.99 30.15 20.63
N ALA B 346 -15.16 29.62 21.00
CA ALA B 346 -15.94 30.16 22.09
C ALA B 346 -15.99 29.12 23.19
N LEU B 347 -15.73 29.54 24.42
CA LEU B 347 -15.80 28.64 25.57
C LEU B 347 -16.95 29.07 26.45
N LEU B 348 -17.88 28.15 26.69
CA LEU B 348 -19.03 28.38 27.56
C LEU B 348 -18.72 27.62 28.84
N LEU B 349 -18.07 28.31 29.78
CA LEU B 349 -17.57 27.69 31.00
C LEU B 349 -18.47 28.11 32.15
N GLY B 350 -18.10 29.13 32.93
CA GLY B 350 -18.96 29.57 34.01
C GLY B 350 -19.74 30.82 33.68
N GLU B 351 -19.03 31.91 33.39
CA GLU B 351 -19.65 33.21 33.19
C GLU B 351 -20.03 33.43 31.73
N GLU B 352 -19.81 34.65 31.23
CA GLU B 352 -20.08 34.97 29.85
C GLU B 352 -19.18 34.13 28.94
N PRO B 353 -19.57 33.93 27.69
CA PRO B 353 -18.72 33.18 26.76
C PRO B 353 -17.35 33.83 26.65
N LEU B 354 -16.31 33.00 26.64
CA LEU B 354 -14.95 33.45 26.41
C LEU B 354 -14.63 33.25 24.93
N LEU B 355 -14.36 34.34 24.23
CA LEU B 355 -14.18 34.30 22.78
C LEU B 355 -12.71 34.52 22.45
N VAL B 356 -12.12 33.58 21.71
CA VAL B 356 -10.71 33.66 21.31
C VAL B 356 -10.65 33.54 19.79
N GLY B 357 -9.84 34.41 19.17
CA GLY B 357 -9.81 34.42 17.72
C GLY B 357 -11.06 35.06 17.13
N CYS B 358 -11.43 34.58 15.95
CA CYS B 358 -12.55 35.15 15.18
C CYS B 358 -13.81 34.32 15.43
N THR B 359 -14.80 34.94 16.06
CA THR B 359 -16.05 34.27 16.40
C THR B 359 -17.21 35.21 16.11
N PRO B 360 -18.45 34.72 16.12
CA PRO B 360 -19.59 35.65 16.13
C PRO B 360 -19.57 36.45 17.42
N ALA B 361 -20.44 37.46 17.47
CA ALA B 361 -20.54 38.28 18.66
C ALA B 361 -21.15 37.48 19.81
N GLN B 362 -20.98 38.00 21.03
CA GLN B 362 -21.45 37.31 22.24
C GLN B 362 -22.92 36.92 22.12
N ASP B 363 -23.77 37.84 21.63
CA ASP B 363 -25.19 37.55 21.54
C ASP B 363 -25.47 36.46 20.50
N GLU B 364 -24.72 36.46 19.40
CA GLU B 364 -24.91 35.43 18.39
C GLU B 364 -24.41 34.08 18.87
N VAL B 365 -23.34 34.07 19.66
CA VAL B 365 -22.85 32.83 20.28
C VAL B 365 -23.87 32.28 21.27
N GLU B 366 -24.41 33.16 22.13
CA GLU B 366 -25.42 32.70 23.06
C GLU B 366 -26.72 32.32 22.35
N ALA B 367 -27.02 32.88 21.18
CA ALA B 367 -28.14 32.37 20.39
C ALA B 367 -27.83 30.97 19.84
N LEU B 368 -26.58 30.73 19.45
CA LEU B 368 -26.18 29.44 18.88
C LEU B 368 -26.19 28.33 19.92
N VAL B 369 -25.79 28.64 21.15
CA VAL B 369 -25.63 27.62 22.18
C VAL B 369 -26.99 27.00 22.57
N ALA B 370 -28.01 27.84 22.76
CA ALA B 370 -29.34 27.35 23.08
C ALA B 370 -29.89 26.46 21.98
N TRP B 371 -29.55 26.77 20.72
CA TRP B 371 -29.93 25.87 19.64
C TRP B 371 -29.20 24.55 19.74
N LEU B 372 -27.89 24.61 20.02
CA LEU B 372 -27.11 23.40 20.22
C LEU B 372 -27.61 22.58 21.41
N ALA B 373 -28.07 23.26 22.47
CA ALA B 373 -28.47 22.55 23.67
C ALA B 373 -29.68 21.65 23.44
N THR B 374 -30.43 21.87 22.36
CA THR B 374 -31.59 21.05 22.01
C THR B 374 -31.32 20.11 20.86
N GLN B 375 -30.07 20.03 20.38
CA GLN B 375 -29.79 19.13 19.27
C GLN B 375 -29.35 17.76 19.79
N PRO B 376 -29.67 16.69 19.06
CA PRO B 376 -29.32 15.35 19.56
C PRO B 376 -27.92 14.95 19.17
N PHE B 377 -26.98 15.05 20.12
CA PHE B 377 -25.64 14.54 19.90
C PHE B 377 -25.02 14.21 21.25
N GLN B 378 -24.21 13.14 21.27
CA GLN B 378 -23.65 12.62 22.51
C GLN B 378 -22.67 13.60 23.16
N THR B 379 -21.52 13.81 22.52
CA THR B 379 -20.52 14.71 23.05
C THR B 379 -19.95 15.69 22.03
N SER B 380 -20.19 15.49 20.73
CA SER B 380 -19.66 16.40 19.71
C SER B 380 -20.66 16.58 18.58
N PHE B 381 -20.71 17.80 18.06
CA PHE B 381 -21.52 18.17 16.92
C PHE B 381 -20.62 18.93 15.95
N HIS B 382 -20.79 18.69 14.65
CA HIS B 382 -20.00 19.42 13.66
C HIS B 382 -20.75 19.53 12.34
N THR B 383 -20.46 20.61 11.62
CA THR B 383 -21.01 20.82 10.29
C THR B 383 -20.06 21.75 9.54
N ASP B 384 -20.04 21.62 8.22
CA ASP B 384 -19.28 22.51 7.37
C ASP B 384 -20.16 23.53 6.66
N ARG B 385 -21.48 23.51 6.94
CA ARG B 385 -22.41 24.49 6.36
C ARG B 385 -23.46 24.85 7.41
N LEU B 386 -23.03 25.60 8.43
CA LEU B 386 -23.91 25.95 9.53
C LEU B 386 -25.14 26.68 9.06
N GLY B 387 -25.00 27.49 8.00
CA GLY B 387 -26.10 28.36 7.58
C GLY B 387 -27.34 27.62 7.13
N THR B 388 -27.18 26.44 6.53
CA THR B 388 -28.34 25.66 6.13
C THR B 388 -29.10 25.14 7.33
N VAL B 389 -28.38 24.55 8.29
CA VAL B 389 -29.03 23.97 9.45
C VAL B 389 -29.37 25.00 10.52
N TYR B 390 -28.77 26.19 10.46
CA TYR B 390 -29.00 27.22 11.49
C TYR B 390 -28.97 28.59 10.83
N PRO B 391 -30.12 29.06 10.32
CA PRO B 391 -30.15 30.28 9.50
C PRO B 391 -29.66 31.54 10.20
N PRO B 392 -29.84 31.69 11.56
CA PRO B 392 -29.35 32.92 12.20
C PRO B 392 -27.90 33.27 11.95
N LEU B 393 -27.06 32.28 11.64
CA LEU B 393 -25.66 32.52 11.32
C LEU B 393 -25.34 32.34 9.84
N ALA B 394 -26.34 32.25 8.98
CA ALA B 394 -26.08 32.16 7.55
C ALA B 394 -25.41 33.43 7.01
N ALA B 395 -25.57 34.57 7.68
CA ALA B 395 -24.87 35.79 7.30
C ALA B 395 -23.45 35.87 7.83
N ARG B 396 -23.07 35.03 8.79
CA ARG B 396 -21.74 35.05 9.39
C ARG B 396 -20.82 33.99 8.79
N ALA B 397 -20.90 33.76 7.48
CA ALA B 397 -19.96 32.84 6.84
C ALA B 397 -18.52 33.34 6.89
N ASP B 398 -18.31 34.61 7.25
CA ASP B 398 -16.96 35.13 7.42
C ASP B 398 -16.25 34.50 8.60
N VAL B 399 -17.00 34.01 9.61
CA VAL B 399 -16.37 33.44 10.79
C VAL B 399 -16.95 32.08 11.20
N ALA B 400 -18.10 31.71 10.64
CA ALA B 400 -18.86 30.58 11.18
C ALA B 400 -19.59 29.82 10.08
N ALA B 401 -18.89 29.55 8.97
CA ALA B 401 -19.44 28.63 7.99
C ALA B 401 -19.45 27.21 8.53
N GLY B 402 -18.48 26.87 9.36
CA GLY B 402 -18.46 25.57 10.00
C GLY B 402 -18.22 25.72 11.48
N ILE B 403 -18.74 24.77 12.25
CA ILE B 403 -18.46 24.71 13.68
C ILE B 403 -18.17 23.27 14.09
N LEU B 404 -17.41 23.15 15.16
CA LEU B 404 -17.19 21.88 15.84
C LEU B 404 -17.44 22.17 17.32
N ALA B 405 -18.51 21.58 17.86
CA ALA B 405 -18.88 21.83 19.24
C ALA B 405 -18.75 20.55 20.04
N VAL B 406 -18.27 20.68 21.28
CA VAL B 406 -18.15 19.56 22.21
C VAL B 406 -18.82 19.95 23.52
N ARG B 407 -19.46 18.98 24.17
CA ARG B 407 -20.08 19.21 25.47
C ARG B 407 -19.03 19.18 26.57
N LEU B 408 -19.18 20.08 27.54
CA LEU B 408 -18.33 20.08 28.72
C LEU B 408 -19.09 19.69 30.00
N ALA B 409 -20.35 19.29 29.88
CA ALA B 409 -21.14 18.92 31.05
C ALA B 409 -22.30 18.05 30.59
N PRO B 410 -22.73 17.07 31.41
CA PRO B 410 -23.88 16.25 31.02
C PRO B 410 -25.15 17.08 30.97
N ALA B 411 -25.52 17.69 32.09
CA ALA B 411 -26.53 18.73 32.10
C ALA B 411 -25.85 20.06 31.74
N ALA B 412 -26.64 21.14 31.77
CA ALA B 412 -26.13 22.51 31.62
C ALA B 412 -25.59 22.80 30.22
N ALA B 413 -25.79 24.03 29.75
CA ALA B 413 -25.29 24.46 28.45
C ALA B 413 -23.84 24.90 28.61
N ARG B 414 -22.95 23.90 28.55
CA ARG B 414 -21.51 24.13 28.65
C ARG B 414 -20.85 23.47 27.45
N PHE B 415 -20.17 24.28 26.64
CA PHE B 415 -19.61 23.78 25.39
C PHE B 415 -18.31 24.50 25.09
N ALA B 416 -17.49 23.87 24.25
CA ALA B 416 -16.43 24.54 23.50
C ALA B 416 -16.83 24.46 22.04
N ILE B 417 -16.81 25.59 21.34
CA ILE B 417 -17.22 25.66 19.94
C ILE B 417 -16.11 26.31 19.14
N TRP B 418 -15.48 25.53 18.26
CA TRP B 418 -14.52 26.03 17.29
C TRP B 418 -15.23 26.46 16.03
N PHE B 419 -14.71 27.54 15.41
CA PHE B 419 -15.37 28.20 14.29
C PHE B 419 -14.42 28.20 13.09
N ARG B 420 -15.00 28.05 11.91
CA ARG B 420 -14.23 28.14 10.67
C ARG B 420 -14.95 29.07 9.70
N PRO B 421 -14.21 29.87 8.95
CA PRO B 421 -14.81 30.68 7.88
C PRO B 421 -15.13 29.80 6.68
N GLU B 422 -15.94 30.36 5.77
CA GLU B 422 -16.13 29.70 4.48
C GLU B 422 -14.82 29.65 3.71
N VAL B 423 -14.74 28.68 2.80
CA VAL B 423 -13.67 28.61 1.80
C VAL B 423 -14.38 28.64 0.45
N ALA B 424 -14.42 29.80 -0.20
CA ALA B 424 -15.06 29.89 -1.50
C ALA B 424 -14.32 29.03 -2.52
N ARG B 425 -15.09 28.36 -3.37
CA ARG B 425 -14.54 27.37 -4.31
C ARG B 425 -15.16 27.61 -5.67
N THR B 426 -14.35 28.01 -6.64
CA THR B 426 -14.81 28.24 -8.01
C THR B 426 -14.57 26.95 -8.77
N ILE B 427 -15.67 26.31 -9.20
CA ILE B 427 -15.57 25.01 -9.86
C ILE B 427 -16.18 25.10 -11.26
N SER B 428 -15.61 24.32 -12.17
CA SER B 428 -16.04 24.28 -13.56
C SER B 428 -16.75 22.96 -13.80
N TRP B 429 -18.02 23.04 -14.20
CA TRP B 429 -18.78 21.86 -14.58
C TRP B 429 -18.65 21.60 -16.08
N ALA B 430 -18.64 20.32 -16.44
CA ALA B 430 -18.64 19.93 -17.84
C ALA B 430 -20.08 19.94 -18.32
N GLY B 431 -20.52 21.14 -18.71
CA GLY B 431 -21.90 21.37 -19.08
C GLY B 431 -22.69 21.96 -17.92
N ASN B 432 -23.84 22.54 -18.26
CA ASN B 432 -24.71 23.18 -17.28
C ASN B 432 -25.31 22.12 -16.37
N PRO B 433 -24.95 22.09 -15.08
CA PRO B 433 -25.49 21.05 -14.20
C PRO B 433 -26.97 21.23 -13.88
N ARG B 434 -27.55 22.39 -14.17
CA ARG B 434 -28.99 22.54 -14.02
C ARG B 434 -29.75 21.86 -15.14
N LYS B 435 -29.06 21.41 -16.19
CA LYS B 435 -29.67 20.70 -17.31
C LYS B 435 -28.87 19.42 -17.54
N PRO B 436 -28.96 18.47 -16.62
CA PRO B 436 -28.09 17.28 -16.66
C PRO B 436 -28.52 16.22 -17.67
N ALA B 437 -29.64 16.41 -18.35
CA ALA B 437 -30.13 15.46 -19.35
C ALA B 437 -31.16 16.17 -20.20
N GLU B 438 -31.50 15.54 -21.33
CA GLU B 438 -32.47 16.09 -22.28
C GLU B 438 -33.60 15.08 -22.47
N PRO B 439 -34.58 15.05 -21.57
CA PRO B 439 -35.70 14.12 -21.75
C PRO B 439 -36.59 14.54 -22.91
N GLU B 440 -37.19 13.54 -23.56
CA GLU B 440 -38.23 13.84 -24.53
C GLU B 440 -39.52 14.23 -23.81
N PRO B 441 -40.40 14.97 -24.48
CA PRO B 441 -41.72 15.25 -23.89
C PRO B 441 -42.37 13.95 -23.43
N GLY B 442 -42.95 13.99 -22.23
CA GLY B 442 -43.50 12.80 -21.61
C GLY B 442 -42.57 12.16 -20.62
N HIS B 443 -41.29 12.53 -20.64
CA HIS B 443 -40.28 12.08 -19.70
C HIS B 443 -40.18 10.56 -19.65
N GLN B 444 -40.33 9.92 -20.81
CA GLN B 444 -40.25 8.48 -20.94
C GLN B 444 -38.97 7.99 -21.60
N ARG B 445 -38.43 8.76 -22.55
CA ARG B 445 -37.13 8.47 -23.15
C ARG B 445 -36.20 9.59 -22.77
N LEU B 446 -35.03 9.24 -22.25
CA LEU B 446 -34.06 10.22 -21.83
C LEU B 446 -32.88 10.22 -22.79
N HIS B 447 -32.29 11.39 -22.94
CA HIS B 447 -31.07 11.57 -23.69
C HIS B 447 -30.07 12.31 -22.82
N PRO B 448 -28.78 12.10 -23.05
CA PRO B 448 -27.77 12.87 -22.32
C PRO B 448 -27.75 14.31 -22.80
N ARG B 449 -27.08 15.15 -22.03
CA ARG B 449 -26.92 16.55 -22.43
C ARG B 449 -26.07 16.64 -23.70
N GLY B 450 -26.24 17.74 -24.42
CA GLY B 450 -25.57 17.92 -25.69
C GLY B 450 -24.24 18.63 -25.61
N SER B 451 -23.97 19.28 -24.49
CA SER B 451 -22.77 20.11 -24.35
C SER B 451 -22.05 19.81 -23.05
N PHE B 452 -20.74 19.72 -23.15
CA PHE B 452 -19.84 19.53 -22.01
C PHE B 452 -18.95 20.75 -21.79
N GLN B 453 -19.33 21.89 -22.37
CA GLN B 453 -18.52 23.10 -22.24
C GLN B 453 -18.55 23.63 -20.81
N ALA B 454 -17.42 24.21 -20.40
CA ALA B 454 -17.23 24.64 -19.02
C ALA B 454 -18.32 25.61 -18.59
N TRP B 455 -18.89 25.35 -17.42
CA TRP B 455 -19.95 26.16 -16.83
C TRP B 455 -19.54 26.41 -15.40
N GLU B 456 -19.22 27.65 -15.06
CA GLU B 456 -18.53 27.98 -13.81
C GLU B 456 -19.50 28.36 -12.70
N GLU B 457 -19.24 27.88 -11.49
CA GLU B 457 -19.97 28.33 -10.32
C GLU B 457 -19.02 28.50 -9.15
N THR B 458 -19.37 29.41 -8.24
CA THR B 458 -18.60 29.61 -7.02
C THR B 458 -19.42 29.13 -5.84
N VAL B 459 -18.91 28.14 -5.13
CA VAL B 459 -19.58 27.56 -3.98
C VAL B 459 -19.21 28.37 -2.75
N ARG B 460 -20.21 28.87 -2.04
CA ARG B 460 -20.02 29.75 -0.88
C ARG B 460 -20.59 29.10 0.36
N ASP B 461 -20.24 29.69 1.51
CA ASP B 461 -20.84 29.38 2.81
C ASP B 461 -20.51 28.00 3.33
N THR B 462 -19.49 27.35 2.78
CA THR B 462 -19.05 26.05 3.26
C THR B 462 -17.59 26.13 3.69
N SER B 463 -17.30 25.63 4.89
CA SER B 463 -15.93 25.59 5.37
C SER B 463 -15.21 24.35 4.84
N LEU B 464 -13.92 24.28 5.14
CA LEU B 464 -13.20 23.02 4.96
C LEU B 464 -13.88 21.95 5.81
N PRO B 465 -13.85 20.70 5.36
CA PRO B 465 -14.49 19.64 6.16
C PRO B 465 -13.70 19.38 7.44
N TRP B 466 -14.42 18.99 8.48
CA TRP B 466 -13.78 18.66 9.74
C TRP B 466 -13.16 17.28 9.65
N LYS B 467 -11.88 17.18 9.96
CA LYS B 467 -11.14 15.94 9.78
C LYS B 467 -11.24 15.08 11.03
N ARG B 468 -10.99 13.79 10.84
CA ARG B 468 -10.92 12.84 11.95
C ARG B 468 -9.99 13.36 13.05
N ALA B 469 -8.84 13.91 12.66
CA ALA B 469 -7.90 14.42 13.66
C ALA B 469 -8.45 15.63 14.40
N ASP B 470 -9.28 16.45 13.74
CA ASP B 470 -9.88 17.59 14.43
C ASP B 470 -10.86 17.11 15.49
N LEU B 471 -11.66 16.09 15.16
CA LEU B 471 -12.62 15.55 16.11
C LEU B 471 -11.92 14.90 17.30
N GLY B 472 -10.83 14.18 17.03
CA GLY B 472 -10.07 13.57 18.11
C GLY B 472 -9.40 14.60 19.01
N ALA B 473 -8.85 15.67 18.42
CA ALA B 473 -8.24 16.72 19.22
C ALA B 473 -9.27 17.43 20.10
N ALA B 474 -10.47 17.70 19.54
CA ALA B 474 -11.52 18.31 20.33
C ALA B 474 -11.92 17.42 21.50
N GLU B 475 -12.06 16.12 21.26
CA GLU B 475 -12.38 15.20 22.36
C GLU B 475 -11.28 15.20 23.42
N GLY B 476 -10.03 15.23 22.99
CA GLY B 476 -8.91 15.23 23.91
C GLY B 476 -8.79 16.50 24.72
N PHE B 477 -9.23 17.64 24.16
CA PHE B 477 -9.20 18.90 24.89
C PHE B 477 -10.34 19.03 25.90
N ARG B 478 -11.39 18.23 25.76
CA ARG B 478 -12.51 18.32 26.69
C ARG B 478 -12.06 18.10 28.13
N GLY B 479 -11.13 17.16 28.35
CA GLY B 479 -10.66 16.90 29.69
C GLY B 479 -10.01 18.11 30.34
N ALA B 480 -9.30 18.91 29.56
CA ALA B 480 -8.64 20.11 30.08
C ALA B 480 -9.64 21.18 30.52
N LEU B 481 -10.84 21.19 29.94
CA LEU B 481 -11.84 22.21 30.22
C LEU B 481 -12.82 21.81 31.30
N VAL B 482 -13.08 20.52 31.47
CA VAL B 482 -13.95 20.05 32.55
C VAL B 482 -13.24 20.24 33.89
C1A EL5 C . 28.37 -15.77 9.79
C1B EL5 C . 28.43 -13.00 6.10
O1B EL5 C . 27.17 -10.58 -0.08
C1C EL5 C . 24.16 -13.55 4.33
O1C EL5 C . 22.48 -16.20 1.01
C1D EL5 C . 20.97 -15.93 6.76
C2A EL5 C . 29.60 -15.19 10.40
C2B EL5 C . 28.85 -12.10 5.02
O2B EL5 C . 29.28 -11.23 -0.04
C2C EL5 C . 23.00 -13.54 3.59
O2C EL5 C . 20.99 -14.68 0.48
C2D EL5 C . 20.06 -16.11 7.92
C3A EL5 C . 30.13 -14.14 9.42
C3B EL5 C . 27.74 -11.98 4.08
C3C EL5 C . 22.03 -14.13 4.33
C3D EL5 C . 19.01 -17.00 7.56
C4A EL5 C . 29.22 -14.06 8.25
C4B EL5 C . 26.59 -12.85 4.54
C4C EL5 C . 22.63 -14.52 5.52
C4D EL5 C . 19.16 -17.46 6.15
CAA EL5 C . 31.17 -13.34 9.52
CAB EL5 C . 27.74 -11.17 2.80
CAC EL5 C . 22.83 -12.93 2.19
CAD EL5 C . 17.88 -17.43 8.49
CBA EL5 C . 32.13 -13.38 10.66
CBB EL5 C . 27.85 -12.13 1.63
CBC EL5 C . 23.22 -13.91 1.08
CBD EL5 C . 16.96 -18.27 8.06
CGB EL5 C . 28.11 -11.27 0.41
CGC EL5 C . 22.16 -14.98 0.84
CHB EL5 C . 29.40 -13.26 7.22
CHC EL5 C . 25.46 -12.96 3.85
CHD EL5 C . 22.05 -15.20 6.75
CMA EL5 C . 30.63 -16.31 10.64
CMB EL5 C . 30.20 -11.38 4.96
CMC EL5 C . 20.58 -14.30 3.86
CMD EL5 C . 20.29 -15.43 9.27
NA EL5 C . 28.13 -15.08 8.45
OA EL5 C . 27.67 -16.62 10.22
NB EL5 C . 27.05 -13.48 5.84
NC EL5 C . 23.93 -14.15 5.50
ND EL5 C . 20.42 -16.78 5.62
OD EL5 C . 18.46 -18.17 5.50
O22 P33 D . 4.12 12.04 20.14
C21 P33 D . 2.98 11.31 20.62
C20 P33 D . 2.36 10.51 19.37
O19 P33 D . 0.94 10.81 19.27
C18 P33 D . 0.17 9.91 18.43
C17 P33 D . -1.40 10.07 18.74
O16 P33 D . -1.66 9.56 20.07
C15 P33 D . -3.04 9.24 20.41
C14 P33 D . -3.67 10.39 21.38
O13 P33 D . -4.11 11.51 20.56
C12 P33 D . -5.41 12.09 20.89
C11 P33 D . -5.75 13.24 19.79
O10 P33 D . -5.80 12.62 18.46
C9 P33 D . -7.03 11.92 18.17
C8 P33 D . -7.33 11.89 16.59
O7 P33 D . -7.96 10.63 16.23
C6 P33 D . -9.22 10.31 16.90
C5 P33 D . -10.51 10.64 15.99
O4 P33 D . -11.68 9.92 16.48
C3 P33 D . -12.12 10.25 17.83
C2 P33 D . -13.51 9.48 18.12
O1 P33 D . -13.96 9.81 19.46
C1A EL5 E . -26.07 10.63 -18.24
C1B EL5 E . -25.51 6.08 -17.59
O1B EL5 E . -22.74 -0.08 -17.80
C1C EL5 E . -20.85 5.70 -17.41
O1C EL5 E . -17.61 4.60 -20.55
C1D EL5 E . -18.25 9.60 -17.32
C2A EL5 E . -27.53 10.61 -17.88
C2B EL5 E . -25.73 4.63 -17.43
O2B EL5 E . -24.55 -0.18 -19.07
C2C EL5 E . -19.52 5.32 -17.34
O2C EL5 E . -16.34 3.71 -19.00
C2D EL5 E . -17.73 10.85 -16.70
C3A EL5 E . -27.91 9.15 -17.62
C3B EL5 E . -24.42 4.00 -17.40
C3C EL5 E . -18.77 6.43 -17.20
C3D EL5 E . -16.48 11.20 -17.26
C4A EL5 E . -26.71 8.29 -17.78
C4B EL5 E . -23.32 5.04 -17.53
C4C EL5 E . -19.65 7.51 -17.19
C4D EL5 E . -16.08 10.21 -18.31
CAA EL5 E . -29.07 8.64 -17.27
CAB EL5 E . -24.18 2.51 -17.26
CAC EL5 E . -18.99 3.87 -17.38
CAD EL5 E . -15.67 12.43 -16.85
CBA EL5 E . -30.27 9.47 -16.93
CBB EL5 E . -23.68 1.98 -18.60
CBC EL5 E . -18.75 3.34 -18.82
CBD EL5 E . -14.49 12.69 -17.38
CGB EL5 E . -23.64 0.47 -18.48
CGC EL5 E . -17.49 3.92 -19.48
CHB EL5 E . -26.71 7.00 -17.63
CHC EL5 E . -22.02 4.75 -17.53
CHD EL5 E . -19.39 9.00 -17.05
CMA EL5 E . -28.31 11.18 -19.07
CMB EL5 E . -27.10 3.95 -17.35
CMC EL5 E . -17.25 6.47 -17.05
CMD EL5 E . -18.51 11.60 -15.60
NA EL5 E . -25.55 9.21 -18.18
OA EL5 E . -25.42 11.57 -18.51
NB EL5 E . -24.06 6.36 -17.63
NC EL5 E . -20.91 7.04 -17.32
ND EL5 E . -17.21 9.20 -18.35
OD EL5 E . -15.11 10.16 -18.99
#